data_2GRU
#
_entry.id   2GRU
#
_cell.length_a   79.569
_cell.length_b   70.108
_cell.length_c   81.569
_cell.angle_alpha   90.00
_cell.angle_beta   117.61
_cell.angle_gamma   90.00
#
_symmetry.space_group_name_H-M   'P 1 21 1'
#
loop_
_entity.id
_entity.type
_entity.pdbx_description
1 polymer '2-deoxy-scyllo-inosose synthase'
2 non-polymer 'COBALT (II) ION'
3 non-polymer 'SULFITE ION'
4 non-polymer 'PHOSPHATE ION'
5 non-polymer NICOTINAMIDE-ADENINE-DINUCLEOTIDE
6 non-polymer (1R,2S,3S,4R)-5-METHYLENECYCLOHEXANE-1,2,3,4-TETRAOL
7 non-polymer (4S)-2-METHYL-2,4-PENTANEDIOL
8 non-polymer '[(1R,2R,3S,4S,5R)-2,3,4,5-TETRAHYDROXYCYCLOHEXYL]METHYL DIHYDROGEN PHOSPHATE'
9 water water
#
_entity_poly.entity_id   1
_entity_poly.type   'polypeptide(L)'
_entity_poly.pdbx_seq_one_letter_code
;MTTKQICFADRCFNFAFGEHVLESVESYIPRDEFDQYIMISDSGVPDSIVHYAAEYFGKLAPVHILRFQGGEEYKTLSTV
TNLQERAIALGANRRTAIVAVGGGLTGNVAGVAAGMMFRGIALIHVPTTFLAASDSVLSIKQAVNLTSGKNLVGFYYPPR
FVFADTRILSESPPRQVKAGMCELVKNMLILENDNKEFTEDDLNSANVYSPKQLETFINFCISAKMSVLSEDIYEKKKGL
IFEYGHTIGHAIELAEQGGITHGEAIAVGMIYAAKIANRMNLMPEHDVSAHYWLLNKIGALQDIPLKSDPDSIFHYLIHD
NKRGYIKLDEDNLGMILLSGVGKPAMYNQTLLTPVRKTLIKEVIREGL
;
_entity_poly.pdbx_strand_id   A,B
#
loop_
_chem_comp.id
_chem_comp.type
_chem_comp.name
_chem_comp.formula
CAK non-polymer '[(1R,2R,3S,4S,5R)-2,3,4,5-TETRAHYDROXYCYCLOHEXYL]METHYL DIHYDROGEN PHOSPHATE' 'C7 H15 O8 P'
CO non-polymer 'COBALT (II) ION' 'Co 2'
EXO non-polymer (1R,2S,3S,4R)-5-METHYLENECYCLOHEXANE-1,2,3,4-TETRAOL 'C7 H12 O4'
MPD non-polymer (4S)-2-METHYL-2,4-PENTANEDIOL 'C6 H14 O2'
NAD non-polymer NICOTINAMIDE-ADENINE-DINUCLEOTIDE 'C21 H27 N7 O14 P2'
PO4 non-polymer 'PHOSPHATE ION' 'O4 P -3'
SO3 non-polymer 'SULFITE ION' 'O3 S -2'
#
# COMPACT_ATOMS: atom_id res chain seq x y z
N THR A 2 -20.30 -8.35 -22.02
CA THR A 2 -19.07 -9.21 -22.01
C THR A 2 -18.42 -9.09 -20.65
N THR A 3 -17.98 -10.24 -20.16
CA THR A 3 -17.35 -10.38 -18.89
C THR A 3 -16.06 -11.15 -19.09
N LYS A 4 -14.93 -10.56 -18.71
CA LYS A 4 -13.63 -11.23 -18.73
C LYS A 4 -13.05 -11.34 -17.33
N GLN A 5 -12.38 -12.43 -17.07
CA GLN A 5 -11.74 -12.64 -15.78
C GLN A 5 -10.30 -12.17 -15.89
N ILE A 6 -9.97 -11.10 -15.17
CA ILE A 6 -8.64 -10.51 -15.20
C ILE A 6 -7.85 -10.95 -13.96
N CYS A 7 -6.63 -11.44 -14.13
CA CYS A 7 -5.84 -11.89 -12.99
C CYS A 7 -4.45 -11.34 -13.02
N PHE A 8 -4.09 -10.59 -11.97
CA PHE A 8 -2.69 -10.15 -11.69
C PHE A 8 -2.10 -11.15 -10.70
N ALA A 9 -1.24 -12.03 -11.18
CA ALA A 9 -0.91 -13.29 -10.47
C ALA A 9 -2.20 -13.93 -9.91
N ASP A 10 -2.33 -14.19 -8.59
CA ASP A 10 -3.54 -14.78 -8.03
C ASP A 10 -4.59 -13.78 -7.57
N ARG A 11 -4.44 -12.49 -7.89
CA ARG A 11 -5.47 -11.51 -7.57
C ARG A 11 -6.34 -11.31 -8.82
N CYS A 12 -7.54 -11.87 -8.80
CA CYS A 12 -8.49 -11.87 -9.92
C CYS A 12 -9.69 -10.95 -9.65
N PHE A 13 -10.20 -10.36 -10.75
CA PHE A 13 -11.46 -9.63 -10.77
C PHE A 13 -12.16 -9.84 -12.11
N ASN A 14 -13.46 -9.67 -12.07
CA ASN A 14 -14.29 -9.64 -13.24
C ASN A 14 -14.44 -8.24 -13.74
N PHE A 15 -14.17 -8.12 -15.04
CA PHE A 15 -14.25 -6.90 -15.77
C PHE A 15 -15.43 -7.14 -16.70
N ALA A 16 -16.54 -6.51 -16.38
CA ALA A 16 -17.71 -6.54 -17.25
C ALA A 16 -17.81 -5.25 -18.04
N PHE A 17 -18.06 -5.36 -19.35
CA PHE A 17 -18.14 -4.20 -20.21
C PHE A 17 -19.19 -4.39 -21.30
N GLY A 18 -20.02 -3.38 -21.51
CA GLY A 18 -21.13 -3.42 -22.47
C GLY A 18 -22.11 -2.31 -22.16
N GLU A 19 -23.22 -2.26 -22.92
CA GLU A 19 -24.28 -1.30 -22.68
C GLU A 19 -25.14 -1.60 -21.46
N HIS A 20 -25.43 -0.56 -20.71
CA HIS A 20 -26.13 -0.78 -19.45
C HIS A 20 -25.58 -2.04 -18.62
N VAL A 21 -24.24 -2.23 -18.53
CA VAL A 21 -23.65 -3.20 -17.56
C VAL A 21 -24.10 -2.91 -16.16
N LEU A 22 -24.27 -1.63 -15.81
CA LEU A 22 -24.58 -1.29 -14.44
C LEU A 22 -25.99 -1.67 -14.04
N GLU A 23 -26.93 -1.61 -14.98
CA GLU A 23 -28.30 -2.05 -14.74
C GLU A 23 -28.30 -3.56 -14.60
N SER A 24 -27.16 -4.17 -14.83
CA SER A 24 -27.08 -5.61 -14.62
C SER A 24 -26.09 -5.94 -13.50
N VAL A 25 -25.70 -4.91 -12.74
CA VAL A 25 -24.78 -5.06 -11.60
C VAL A 25 -25.19 -6.17 -10.61
N GLU A 26 -26.50 -6.34 -10.42
CA GLU A 26 -27.09 -7.31 -9.49
C GLU A 26 -26.75 -8.76 -9.84
N SER A 27 -26.49 -9.01 -11.13
CA SER A 27 -26.06 -10.33 -11.62
C SER A 27 -24.58 -10.61 -11.39
N TYR A 28 -23.80 -9.57 -11.04
CA TYR A 28 -22.34 -9.70 -10.95
C TYR A 28 -21.82 -9.70 -9.53
N ILE A 29 -22.51 -8.98 -8.63
CA ILE A 29 -22.08 -8.88 -7.24
C ILE A 29 -23.04 -9.59 -6.32
N PRO A 30 -22.56 -10.57 -5.55
CA PRO A 30 -23.38 -11.30 -4.56
C PRO A 30 -24.26 -10.35 -3.76
N ARG A 31 -25.54 -10.71 -3.63
CA ARG A 31 -26.52 -9.90 -2.93
C ARG A 31 -26.01 -9.16 -1.67
N ASP A 32 -25.37 -9.91 -0.78
CA ASP A 32 -24.84 -9.34 0.44
C ASP A 32 -23.31 -9.38 0.54
N GLU A 33 -22.61 -9.25 -0.58
CA GLU A 33 -21.13 -9.10 -0.58
C GLU A 33 -20.70 -7.93 0.32
N PHE A 34 -21.37 -6.79 0.15
CA PHE A 34 -20.95 -5.54 0.77
C PHE A 34 -22.15 -4.92 1.40
N ASP A 35 -21.91 -4.27 2.53
CA ASP A 35 -23.01 -3.66 3.25
C ASP A 35 -23.25 -2.18 2.92
N GLN A 36 -22.36 -1.62 2.10
CA GLN A 36 -22.42 -0.21 1.79
C GLN A 36 -21.51 0.05 0.61
N TYR A 37 -21.89 1.03 -0.22
CA TYR A 37 -21.10 1.56 -1.34
C TYR A 37 -20.73 3.00 -1.12
N ILE A 38 -19.43 3.28 -1.03
CA ILE A 38 -18.97 4.66 -0.99
C ILE A 38 -18.54 5.00 -2.43
N MET A 39 -19.34 5.82 -3.09
CA MET A 39 -19.10 6.23 -4.48
C MET A 39 -18.22 7.48 -4.60
N ILE A 40 -17.01 7.31 -5.16
CA ILE A 40 -16.04 8.38 -5.18
C ILE A 40 -15.85 8.87 -6.61
N SER A 41 -15.95 10.20 -6.79
CA SER A 41 -15.91 10.77 -8.12
C SER A 41 -15.38 12.21 -8.16
N ASP A 42 -14.35 12.48 -8.94
CA ASP A 42 -13.76 13.85 -8.98
C ASP A 42 -14.82 14.84 -9.56
N SER A 43 -14.70 16.11 -9.24
CA SER A 43 -15.78 17.07 -9.52
C SER A 43 -16.01 17.33 -11.03
N GLY A 44 -15.09 16.89 -11.88
CA GLY A 44 -15.27 17.02 -13.33
C GLY A 44 -16.10 15.94 -14.01
N VAL A 45 -16.30 14.80 -13.34
CA VAL A 45 -17.13 13.75 -13.92
C VAL A 45 -18.59 14.25 -14.02
N PRO A 46 -19.26 14.11 -15.20
CA PRO A 46 -20.70 14.49 -15.25
C PRO A 46 -21.58 13.92 -14.14
N ASP A 47 -22.41 14.76 -13.53
CA ASP A 47 -23.28 14.38 -12.42
C ASP A 47 -24.28 13.35 -12.83
N SER A 48 -24.66 13.35 -14.11
CA SER A 48 -25.59 12.35 -14.63
C SER A 48 -24.99 10.96 -14.60
N ILE A 49 -23.70 10.79 -14.94
CA ILE A 49 -23.06 9.47 -14.77
C ILE A 49 -23.02 9.02 -13.27
N VAL A 50 -22.50 9.87 -12.39
CA VAL A 50 -22.45 9.58 -10.94
C VAL A 50 -23.83 9.17 -10.40
N HIS A 51 -24.84 9.99 -10.65
CA HIS A 51 -26.16 9.70 -10.12
C HIS A 51 -26.80 8.44 -10.69
N TYR A 52 -26.53 8.18 -11.97
CA TYR A 52 -26.89 6.93 -12.61
C TYR A 52 -26.23 5.70 -11.98
N ALA A 53 -24.91 5.74 -11.79
CA ALA A 53 -24.18 4.64 -11.12
C ALA A 53 -24.71 4.40 -9.69
N ALA A 54 -24.96 5.49 -8.96
CA ALA A 54 -25.46 5.40 -7.60
C ALA A 54 -26.83 4.70 -7.51
N GLU A 55 -27.75 5.05 -8.40
CA GLU A 55 -29.05 4.39 -8.46
C GLU A 55 -28.94 2.86 -8.67
N TYR A 56 -28.02 2.41 -9.53
CA TYR A 56 -27.85 0.95 -9.72
C TYR A 56 -27.15 0.25 -8.59
N PHE A 57 -26.05 0.82 -8.10
CA PHE A 57 -25.44 0.26 -6.89
C PHE A 57 -26.40 0.29 -5.70
N GLY A 58 -27.32 1.27 -5.71
CA GLY A 58 -28.32 1.39 -4.68
C GLY A 58 -29.28 0.22 -4.61
N LYS A 59 -29.34 -0.63 -5.63
CA LYS A 59 -30.25 -1.78 -5.61
C LYS A 59 -29.66 -2.89 -4.76
N LEU A 60 -28.35 -2.81 -4.53
CA LEU A 60 -27.65 -3.83 -3.73
C LEU A 60 -27.48 -3.46 -2.28
N ALA A 61 -27.28 -2.17 -1.98
CA ALA A 61 -26.95 -1.72 -0.62
C ALA A 61 -26.87 -0.18 -0.63
N PRO A 62 -26.95 0.46 0.55
CA PRO A 62 -26.95 1.91 0.56
C PRO A 62 -25.70 2.47 -0.07
N VAL A 63 -25.90 3.57 -0.80
CA VAL A 63 -24.83 4.22 -1.49
C VAL A 63 -24.69 5.65 -0.96
N HIS A 64 -23.43 6.09 -0.77
CA HIS A 64 -23.16 7.49 -0.51
C HIS A 64 -22.23 7.98 -1.58
N ILE A 65 -22.47 9.23 -1.99
CA ILE A 65 -21.65 9.82 -3.00
C ILE A 65 -20.68 10.82 -2.36
N LEU A 66 -19.40 10.69 -2.74
CA LEU A 66 -18.35 11.54 -2.23
C LEU A 66 -17.72 12.16 -3.47
N ARG A 67 -17.90 13.48 -3.64
CA ARG A 67 -17.09 14.14 -4.65
C ARG A 67 -15.81 14.68 -4.01
N PHE A 68 -14.79 14.92 -4.84
CA PHE A 68 -13.62 15.74 -4.51
C PHE A 68 -13.17 16.58 -5.71
N GLN A 69 -12.39 17.62 -5.45
CA GLN A 69 -11.91 18.57 -6.43
C GLN A 69 -11.00 17.90 -7.49
N GLY A 70 -11.39 17.97 -8.74
CA GLY A 70 -10.63 17.36 -9.82
C GLY A 70 -9.32 18.08 -10.09
N GLY A 71 -8.50 17.46 -10.94
CA GLY A 71 -7.29 18.09 -11.41
C GLY A 71 -6.06 17.61 -10.69
N GLU A 72 -4.93 17.63 -11.39
CA GLU A 72 -3.70 17.02 -10.90
C GLU A 72 -3.16 17.73 -9.65
N GLU A 73 -3.49 19.01 -9.52
CA GLU A 73 -3.19 19.80 -8.32
C GLU A 73 -3.79 19.28 -7.03
N TYR A 74 -4.91 18.59 -7.13
CA TYR A 74 -5.59 18.05 -5.96
C TYR A 74 -5.48 16.51 -5.93
N LYS A 75 -4.71 15.93 -6.84
CA LYS A 75 -4.47 14.47 -6.81
C LYS A 75 -3.37 14.15 -5.79
N THR A 76 -3.74 14.13 -4.49
CA THR A 76 -2.75 14.15 -3.41
C THR A 76 -3.20 13.27 -2.27
N LEU A 77 -2.30 12.98 -1.32
CA LEU A 77 -2.64 12.13 -0.15
C LEU A 77 -3.60 12.89 0.76
N SER A 78 -3.49 14.21 0.75
CA SER A 78 -4.43 15.05 1.44
C SER A 78 -5.88 14.88 0.96
N THR A 79 -6.10 14.84 -0.36
CA THR A 79 -7.43 14.54 -0.89
C THR A 79 -7.86 13.14 -0.46
N VAL A 80 -6.96 12.17 -0.59
CA VAL A 80 -7.25 10.81 -0.06
C VAL A 80 -7.67 10.80 1.44
N THR A 81 -6.88 11.41 2.29
CA THR A 81 -7.28 11.45 3.75
C THR A 81 -8.64 12.02 3.97
N ASN A 82 -8.96 13.11 3.28
CA ASN A 82 -10.24 13.74 3.50
C ASN A 82 -11.39 12.83 3.09
N LEU A 83 -11.20 12.13 1.96
CA LEU A 83 -12.15 11.08 1.54
C LEU A 83 -12.28 9.91 2.51
N GLN A 84 -11.19 9.46 3.11
CA GLN A 84 -11.24 8.36 4.09
C GLN A 84 -12.01 8.79 5.38
N GLU A 85 -11.77 10.02 5.84
CA GLU A 85 -12.45 10.63 6.99
C GLU A 85 -13.93 10.76 6.78
N ARG A 86 -14.34 11.29 5.61
CA ARG A 86 -15.74 11.40 5.21
C ARG A 86 -16.40 10.03 5.09
N ALA A 87 -15.67 9.06 4.55
CA ALA A 87 -16.17 7.68 4.50
C ALA A 87 -16.43 7.07 5.88
N ILE A 88 -15.50 7.27 6.81
CA ILE A 88 -15.61 6.77 8.18
C ILE A 88 -16.79 7.47 8.85
N ALA A 89 -16.90 8.78 8.65
CA ALA A 89 -18.04 9.51 9.16
C ALA A 89 -19.37 9.00 8.63
N LEU A 90 -19.38 8.27 7.51
CA LEU A 90 -20.60 7.63 6.94
C LEU A 90 -20.82 6.18 7.42
N GLY A 91 -19.90 5.76 8.30
CA GLY A 91 -19.97 4.43 8.89
C GLY A 91 -19.29 3.37 8.06
N ALA A 92 -18.30 3.76 7.24
CA ALA A 92 -17.57 2.79 6.40
C ALA A 92 -16.88 1.77 7.28
N ASN A 93 -16.83 0.55 6.83
CA ASN A 93 -16.14 -0.50 7.58
C ASN A 93 -15.53 -1.52 6.58
N ARG A 94 -15.07 -2.65 7.09
CA ARG A 94 -14.38 -3.65 6.26
C ARG A 94 -15.31 -4.31 5.27
N ARG A 95 -16.61 -4.19 5.47
CA ARG A 95 -17.56 -4.74 4.50
C ARG A 95 -18.07 -3.73 3.47
N THR A 96 -17.63 -2.48 3.59
CA THR A 96 -17.88 -1.46 2.58
C THR A 96 -17.03 -1.65 1.32
N ALA A 97 -17.62 -1.36 0.15
CA ALA A 97 -16.84 -1.21 -1.11
C ALA A 97 -16.77 0.24 -1.50
N ILE A 98 -15.58 0.63 -1.98
CA ILE A 98 -15.34 1.90 -2.63
C ILE A 98 -15.59 1.77 -4.14
N VAL A 99 -16.49 2.60 -4.68
CA VAL A 99 -16.81 2.58 -6.13
C VAL A 99 -16.25 3.82 -6.77
N ALA A 100 -15.18 3.63 -7.55
CA ALA A 100 -14.54 4.77 -8.18
C ALA A 100 -15.17 5.08 -9.54
N VAL A 101 -15.87 6.23 -9.60
CA VAL A 101 -16.63 6.56 -10.83
C VAL A 101 -15.96 7.74 -11.49
N GLY A 102 -15.16 7.45 -12.51
CA GLY A 102 -14.42 8.51 -13.18
C GLY A 102 -13.37 7.95 -14.12
N GLY A 103 -12.42 8.82 -14.48
CA GLY A 103 -11.31 8.45 -15.31
C GLY A 103 -10.20 7.97 -14.40
N GLY A 104 -8.97 8.07 -14.88
CA GLY A 104 -7.82 7.54 -14.18
C GLY A 104 -7.47 8.32 -12.90
N LEU A 105 -7.73 9.63 -12.91
CA LEU A 105 -7.52 10.43 -11.73
C LEU A 105 -8.37 9.97 -10.56
N THR A 106 -9.64 9.73 -10.80
CA THR A 106 -10.54 9.22 -9.77
C THR A 106 -10.16 7.78 -9.37
N GLY A 107 -9.82 6.94 -10.36
CA GLY A 107 -9.30 5.60 -10.12
C GLY A 107 -8.13 5.49 -9.15
N ASN A 108 -7.06 6.23 -9.43
CA ASN A 108 -5.95 6.40 -8.56
C ASN A 108 -6.26 6.92 -7.16
N VAL A 109 -6.95 8.08 -7.05
CA VAL A 109 -7.38 8.63 -5.77
C VAL A 109 -8.20 7.62 -4.96
N ALA A 110 -9.27 7.08 -5.56
CA ALA A 110 -10.06 6.04 -4.93
C ALA A 110 -9.29 4.74 -4.63
N GLY A 111 -8.35 4.38 -5.48
CA GLY A 111 -7.51 3.15 -5.26
C GLY A 111 -6.57 3.28 -4.05
N VAL A 112 -5.96 4.45 -3.90
CA VAL A 112 -5.17 4.81 -2.67
C VAL A 112 -6.05 4.86 -1.46
N ALA A 113 -7.21 5.55 -1.53
CA ALA A 113 -8.17 5.42 -0.42
C ALA A 113 -8.49 3.97 0.02
N ALA A 114 -9.03 3.17 -0.89
CA ALA A 114 -9.44 1.79 -0.68
C ALA A 114 -8.29 0.86 -0.24
N GLY A 115 -7.09 1.06 -0.79
CA GLY A 115 -6.02 0.17 -0.45
C GLY A 115 -5.48 0.36 0.95
N MET A 116 -5.71 1.57 1.53
CA MET A 116 -5.27 1.92 2.90
C MET A 116 -6.37 1.76 3.99
N MET A 117 -7.64 1.98 3.68
CA MET A 117 -8.70 1.90 4.70
C MET A 117 -8.77 0.56 5.31
N PHE A 118 -8.59 0.52 6.64
CA PHE A 118 -8.51 -0.77 7.35
C PHE A 118 -7.47 -1.69 6.76
N ARG A 119 -6.41 -1.11 6.17
CA ARG A 119 -5.36 -1.87 5.44
C ARG A 119 -5.85 -2.60 4.20
N GLY A 120 -7.03 -2.20 3.70
CA GLY A 120 -7.47 -2.58 2.38
C GLY A 120 -8.88 -3.07 2.33
N ILE A 121 -9.78 -2.31 1.66
CA ILE A 121 -11.16 -2.75 1.45
C ILE A 121 -11.41 -2.89 -0.08
N ALA A 122 -12.61 -3.38 -0.44
CA ALA A 122 -12.97 -3.58 -1.85
C ALA A 122 -13.00 -2.30 -2.68
N LEU A 123 -12.36 -2.41 -3.84
CA LEU A 123 -12.29 -1.31 -4.78
C LEU A 123 -12.98 -1.81 -6.02
N ILE A 124 -13.99 -1.08 -6.46
CA ILE A 124 -14.72 -1.39 -7.68
C ILE A 124 -14.52 -0.21 -8.64
N HIS A 125 -14.00 -0.47 -9.82
CA HIS A 125 -13.92 0.53 -10.86
C HIS A 125 -15.17 0.69 -11.77
N VAL A 126 -15.64 1.94 -11.87
CA VAL A 126 -16.57 2.32 -12.93
C VAL A 126 -15.90 3.37 -13.87
N PRO A 127 -15.05 2.92 -14.81
CA PRO A 127 -14.29 3.89 -15.63
C PRO A 127 -15.18 4.60 -16.62
N THR A 128 -15.10 5.92 -16.64
CA THR A 128 -15.98 6.71 -17.50
C THR A 128 -15.26 7.34 -18.68
N THR A 129 -13.95 7.11 -18.76
CA THR A 129 -13.20 7.59 -19.92
C THR A 129 -12.69 6.33 -20.63
N PHE A 130 -12.55 6.39 -21.95
CA PHE A 130 -11.97 5.27 -22.70
C PHE A 130 -10.52 4.89 -22.28
N LEU A 131 -9.73 5.89 -21.90
CA LEU A 131 -8.40 5.64 -21.44
C LEU A 131 -8.40 4.86 -20.08
N ALA A 132 -9.28 5.26 -19.17
CA ALA A 132 -9.39 4.52 -17.95
C ALA A 132 -9.88 3.09 -18.20
N ALA A 133 -10.93 2.91 -19.02
CA ALA A 133 -11.49 1.60 -19.28
C ALA A 133 -10.54 0.65 -20.03
N SER A 134 -9.68 1.19 -20.88
CA SER A 134 -8.90 0.30 -21.80
C SER A 134 -7.41 0.25 -21.43
N ASP A 135 -7.04 1.04 -20.42
CA ASP A 135 -5.63 1.10 -20.06
C ASP A 135 -5.45 1.17 -18.56
N SER A 136 -5.91 2.24 -17.94
CA SER A 136 -5.59 2.48 -16.54
C SER A 136 -6.19 1.49 -15.53
N VAL A 137 -7.43 0.98 -15.73
CA VAL A 137 -7.92 -0.08 -14.85
C VAL A 137 -7.26 -1.46 -15.20
N LEU A 138 -6.47 -1.50 -16.27
CA LEU A 138 -5.66 -2.71 -16.61
C LEU A 138 -4.20 -2.55 -16.17
N SER A 139 -4.09 -2.27 -14.89
CA SER A 139 -2.90 -1.93 -14.13
C SER A 139 -3.34 -1.96 -12.69
N ILE A 140 -2.53 -2.51 -11.79
CA ILE A 140 -2.85 -2.39 -10.34
C ILE A 140 -2.06 -1.29 -9.62
N LYS A 141 -1.37 -0.44 -10.35
CA LYS A 141 -0.64 0.69 -9.75
C LYS A 141 -1.64 1.69 -9.28
N GLN A 142 -1.46 2.19 -8.06
CA GLN A 142 -2.26 3.30 -7.53
C GLN A 142 -1.28 4.35 -7.15
N ALA A 143 -1.56 5.63 -7.40
CA ALA A 143 -0.59 6.64 -7.00
C ALA A 143 -1.26 8.01 -6.94
N VAL A 144 -0.71 8.90 -6.13
CA VAL A 144 -1.09 10.30 -6.12
C VAL A 144 0.19 11.14 -6.19
N ASN A 145 0.06 12.48 -6.22
CA ASN A 145 1.20 13.35 -6.50
C ASN A 145 1.76 13.91 -5.17
N LEU A 146 3.07 14.21 -5.15
CA LEU A 146 3.63 15.19 -4.21
C LEU A 146 3.81 16.54 -4.95
N THR A 147 4.12 17.62 -4.23
CA THR A 147 4.34 18.94 -4.85
C THR A 147 5.56 18.90 -5.78
N SER A 148 6.49 17.99 -5.47
CA SER A 148 7.67 17.84 -6.28
C SER A 148 7.54 16.67 -7.26
N GLY A 149 6.34 16.20 -7.57
CA GLY A 149 6.30 15.21 -8.62
C GLY A 149 5.04 14.39 -8.74
N LYS A 150 4.84 13.88 -9.96
CA LYS A 150 3.62 13.20 -10.25
C LYS A 150 3.77 11.72 -9.98
N ASN A 151 2.75 11.17 -9.33
CA ASN A 151 2.68 9.76 -8.99
C ASN A 151 3.85 9.23 -8.18
N LEU A 152 4.39 10.09 -7.31
CA LEU A 152 5.50 9.75 -6.45
C LEU A 152 5.15 8.87 -5.21
N VAL A 153 3.87 8.83 -4.84
CA VAL A 153 3.47 8.08 -3.67
C VAL A 153 2.32 7.18 -3.98
N GLY A 154 2.52 5.89 -3.77
CA GLY A 154 1.42 4.96 -3.94
C GLY A 154 1.86 3.52 -3.70
N PHE A 155 1.19 2.58 -4.37
CA PHE A 155 1.49 1.17 -4.17
C PHE A 155 0.75 0.39 -5.24
N TYR A 156 0.61 -0.90 -5.03
CA TYR A 156 -0.04 -1.81 -5.97
C TYR A 156 -1.26 -2.45 -5.33
N TYR A 157 -2.43 -2.24 -5.93
CA TYR A 157 -3.65 -2.68 -5.26
C TYR A 157 -4.73 -3.04 -6.29
N PRO A 158 -5.14 -4.32 -6.32
CA PRO A 158 -6.14 -4.76 -7.26
C PRO A 158 -7.58 -4.41 -6.83
N PRO A 159 -8.46 -4.27 -7.83
CA PRO A 159 -9.91 -4.17 -7.61
C PRO A 159 -10.58 -5.55 -7.50
N ARG A 160 -11.82 -5.55 -7.08
CA ARG A 160 -12.62 -6.71 -6.94
C ARG A 160 -13.54 -6.78 -8.18
N PHE A 161 -13.86 -5.64 -8.76
CA PHE A 161 -14.76 -5.65 -9.94
C PHE A 161 -14.47 -4.44 -10.77
N VAL A 162 -14.68 -4.60 -12.08
CA VAL A 162 -14.67 -3.45 -13.00
C VAL A 162 -15.90 -3.49 -13.87
N PHE A 163 -16.60 -2.36 -13.96
CA PHE A 163 -17.77 -2.22 -14.86
C PHE A 163 -17.58 -1.08 -15.82
N ALA A 164 -17.37 -1.38 -17.09
CA ALA A 164 -17.29 -0.31 -18.10
C ALA A 164 -18.55 -0.27 -18.95
N ASP A 165 -19.31 0.80 -18.81
CA ASP A 165 -20.49 1.03 -19.61
C ASP A 165 -20.11 1.68 -20.96
N THR A 166 -20.19 0.89 -22.04
CA THR A 166 -19.75 1.32 -23.38
C THR A 166 -20.71 2.37 -24.02
N ARG A 167 -21.92 2.45 -23.51
CA ARG A 167 -22.79 3.55 -23.90
C ARG A 167 -22.27 4.87 -23.30
N ILE A 168 -21.96 4.88 -22.01
CA ILE A 168 -21.24 6.06 -21.46
C ILE A 168 -19.96 6.39 -22.22
N LEU A 169 -19.11 5.39 -22.50
CA LEU A 169 -17.84 5.68 -23.19
C LEU A 169 -18.07 6.23 -24.59
N SER A 170 -19.10 5.67 -25.27
CA SER A 170 -19.40 6.10 -26.65
C SER A 170 -19.87 7.55 -26.72
N GLU A 171 -20.31 8.11 -25.60
CA GLU A 171 -20.80 9.48 -25.62
C GLU A 171 -19.78 10.40 -25.00
N SER A 172 -18.61 9.87 -24.68
CA SER A 172 -17.54 10.68 -24.12
C SER A 172 -16.91 11.57 -25.19
N PRO A 173 -16.22 12.65 -24.76
CA PRO A 173 -15.59 13.63 -25.64
C PRO A 173 -14.66 12.92 -26.61
N PRO A 174 -14.74 13.18 -27.93
CA PRO A 174 -13.76 12.54 -28.88
C PRO A 174 -12.25 12.73 -28.58
N ARG A 175 -11.88 13.87 -28.01
CA ARG A 175 -10.50 14.13 -27.70
C ARG A 175 -10.03 13.18 -26.63
N GLN A 176 -10.94 12.81 -25.75
CA GLN A 176 -10.62 11.82 -24.71
C GLN A 176 -10.62 10.39 -25.26
N VAL A 177 -11.60 10.06 -26.09
CA VAL A 177 -11.59 8.74 -26.78
C VAL A 177 -10.28 8.61 -27.53
N LYS A 178 -9.92 9.68 -28.28
CA LYS A 178 -8.65 9.73 -29.01
C LYS A 178 -7.48 9.39 -28.10
N ALA A 179 -7.46 9.94 -26.89
CA ALA A 179 -6.32 9.71 -25.99
C ALA A 179 -6.16 8.24 -25.67
N GLY A 180 -7.27 7.54 -25.39
CA GLY A 180 -7.18 6.11 -25.12
C GLY A 180 -6.93 5.33 -26.40
N MET A 181 -7.44 5.83 -27.52
CA MET A 181 -7.08 5.22 -28.83
C MET A 181 -5.57 5.28 -29.17
N CYS A 182 -4.88 6.28 -28.67
CA CYS A 182 -3.44 6.36 -28.83
C CYS A 182 -2.73 5.19 -28.16
N GLU A 183 -3.22 4.77 -27.00
CA GLU A 183 -2.61 3.71 -26.19
C GLU A 183 -2.97 2.38 -26.78
N LEU A 184 -4.12 2.33 -27.43
CA LEU A 184 -4.59 1.16 -28.14
C LEU A 184 -3.70 0.96 -29.34
N VAL A 185 -3.42 2.03 -30.04
CA VAL A 185 -2.49 1.92 -31.17
C VAL A 185 -1.07 1.60 -30.64
N LYS A 186 -0.67 2.18 -29.52
CA LYS A 186 0.60 1.66 -28.90
C LYS A 186 0.58 0.11 -28.74
N ASN A 187 -0.51 -0.43 -28.19
CA ASN A 187 -0.63 -1.87 -28.02
C ASN A 187 -0.47 -2.65 -29.36
N MET A 188 -1.05 -2.11 -30.44
CA MET A 188 -0.92 -2.66 -31.82
C MET A 188 0.54 -2.68 -32.32
N LEU A 189 1.33 -1.68 -31.90
CA LEU A 189 2.72 -1.52 -32.42
C LEU A 189 3.70 -2.36 -31.62
N ILE A 190 3.37 -2.65 -30.37
CA ILE A 190 4.36 -3.24 -29.48
C ILE A 190 4.23 -4.74 -29.36
N LEU A 191 3.06 -5.30 -29.65
CA LEU A 191 2.80 -6.72 -29.36
C LEU A 191 2.18 -7.38 -30.54
N GLU A 192 2.58 -8.61 -30.84
CA GLU A 192 2.02 -9.35 -31.98
C GLU A 192 0.59 -9.80 -31.67
N ASN A 193 -0.32 -9.57 -32.62
CA ASN A 193 -1.75 -9.86 -32.44
C ASN A 193 -2.52 -10.36 -33.67
N ASP A 194 -3.27 -11.44 -33.48
CA ASP A 194 -4.39 -11.81 -34.39
C ASP A 194 -5.65 -11.94 -33.52
N ASN A 195 -5.42 -11.82 -32.21
CA ASN A 195 -6.43 -11.96 -31.14
C ASN A 195 -7.25 -10.66 -30.94
N LYS A 196 -7.38 -9.91 -32.04
CA LYS A 196 -8.21 -8.72 -32.17
C LYS A 196 -9.25 -9.01 -33.25
N GLU A 197 -10.47 -8.56 -32.97
CA GLU A 197 -11.69 -8.76 -33.77
C GLU A 197 -12.13 -7.47 -34.49
N PHE A 198 -11.16 -6.62 -34.78
CA PHE A 198 -11.31 -5.41 -35.58
C PHE A 198 -10.04 -5.41 -36.46
N THR A 199 -10.09 -4.59 -37.51
CA THR A 199 -8.93 -4.28 -38.32
C THR A 199 -8.71 -2.76 -38.24
N GLU A 200 -7.64 -2.29 -38.85
CA GLU A 200 -7.35 -0.87 -39.01
C GLU A 200 -8.44 -0.10 -39.78
N ASP A 201 -9.37 -0.82 -40.42
CA ASP A 201 -10.50 -0.24 -41.15
C ASP A 201 -11.55 0.28 -40.20
N ASP A 202 -11.57 -0.30 -39.00
CA ASP A 202 -12.51 0.09 -37.99
C ASP A 202 -12.08 1.34 -37.20
N LEU A 203 -10.82 1.78 -37.41
CA LEU A 203 -10.32 3.00 -36.77
C LEU A 203 -10.84 4.21 -37.56
N ASN A 204 -11.27 5.26 -36.90
CA ASN A 204 -11.65 6.47 -37.64
C ASN A 204 -10.99 7.69 -36.98
N SER A 205 -10.87 8.81 -37.71
CA SER A 205 -10.10 9.94 -37.27
C SER A 205 -10.92 10.96 -36.46
N ALA A 206 -12.22 10.74 -36.42
CA ALA A 206 -13.18 11.54 -35.65
C ALA A 206 -13.25 11.13 -34.16
N ASN A 207 -12.81 9.90 -33.88
CA ASN A 207 -12.86 9.29 -32.55
C ASN A 207 -14.27 9.26 -31.98
N VAL A 208 -15.21 8.87 -32.83
CA VAL A 208 -16.58 8.74 -32.41
C VAL A 208 -16.82 7.29 -32.72
N TYR A 209 -17.11 6.48 -31.69
CA TYR A 209 -17.37 5.05 -31.95
C TYR A 209 -18.63 4.53 -31.33
N SER A 210 -19.16 3.41 -31.82
CA SER A 210 -20.35 2.82 -31.22
C SER A 210 -19.98 2.13 -29.89
N PRO A 211 -20.98 1.92 -29.01
CA PRO A 211 -20.76 1.07 -27.86
C PRO A 211 -20.13 -0.28 -28.20
N LYS A 212 -20.60 -0.95 -29.24
CA LYS A 212 -20.06 -2.22 -29.62
C LYS A 212 -18.60 -2.19 -30.09
N GLN A 213 -18.19 -1.16 -30.87
CA GLN A 213 -16.77 -1.00 -31.31
C GLN A 213 -15.80 -0.81 -30.15
N LEU A 214 -16.18 0.08 -29.23
CA LEU A 214 -15.44 0.24 -27.94
C LEU A 214 -15.40 -1.04 -27.14
N GLU A 215 -16.52 -1.74 -26.98
CA GLU A 215 -16.42 -3.12 -26.45
C GLU A 215 -15.33 -4.03 -27.06
N THR A 216 -15.16 -3.95 -28.37
CA THR A 216 -14.24 -4.78 -29.07
C THR A 216 -12.76 -4.29 -28.87
N PHE A 217 -12.62 -2.97 -28.78
CA PHE A 217 -11.34 -2.34 -28.42
C PHE A 217 -10.98 -2.70 -26.98
N ILE A 218 -11.94 -2.69 -26.07
CA ILE A 218 -11.63 -3.00 -24.71
C ILE A 218 -11.17 -4.45 -24.61
N ASN A 219 -11.87 -5.36 -25.25
CA ASN A 219 -11.45 -6.76 -25.30
C ASN A 219 -10.02 -6.98 -25.80
N PHE A 220 -9.65 -6.38 -26.92
CA PHE A 220 -8.31 -6.42 -27.42
C PHE A 220 -7.30 -5.84 -26.39
N CYS A 221 -7.62 -4.70 -25.72
CA CYS A 221 -6.65 -4.16 -24.76
C CYS A 221 -6.44 -5.10 -23.56
N ILE A 222 -7.54 -5.66 -23.06
CA ILE A 222 -7.49 -6.71 -22.02
C ILE A 222 -6.55 -7.86 -22.43
N SER A 223 -6.78 -8.45 -23.61
CA SER A 223 -5.92 -9.53 -24.07
C SER A 223 -4.45 -9.14 -24.16
N ALA A 224 -4.20 -7.95 -24.72
CA ALA A 224 -2.89 -7.47 -25.02
C ALA A 224 -2.18 -7.21 -23.73
N LYS A 225 -2.78 -6.38 -22.87
CA LYS A 225 -2.07 -5.97 -21.65
C LYS A 225 -1.84 -7.19 -20.72
N MET A 226 -2.88 -7.98 -20.52
CA MET A 226 -2.79 -9.07 -19.54
C MET A 226 -1.96 -10.24 -19.97
N SER A 227 -1.72 -10.34 -21.28
CA SER A 227 -0.77 -11.31 -21.81
C SER A 227 0.62 -11.06 -21.20
N VAL A 228 0.86 -9.82 -20.78
CA VAL A 228 2.13 -9.40 -20.12
C VAL A 228 2.00 -9.18 -18.60
N LEU A 229 0.98 -8.45 -18.19
CA LEU A 229 0.90 -8.01 -16.77
C LEU A 229 0.37 -9.11 -15.83
N SER A 230 -0.23 -10.17 -16.38
CA SER A 230 -0.67 -11.27 -15.51
C SER A 230 0.49 -11.84 -14.71
N GLU A 231 1.68 -11.83 -15.32
CA GLU A 231 2.87 -12.40 -14.71
C GLU A 231 3.77 -11.24 -14.21
N ASP A 232 3.86 -10.14 -14.95
CA ASP A 232 4.59 -9.01 -14.47
C ASP A 232 3.70 -7.91 -13.80
N ILE A 233 3.18 -8.19 -12.59
CA ILE A 233 2.14 -7.37 -11.95
C ILE A 233 2.62 -5.97 -11.54
N TYR A 234 3.94 -5.82 -11.35
CA TYR A 234 4.49 -4.56 -10.93
C TYR A 234 4.94 -3.73 -12.14
N GLU A 235 4.86 -4.33 -13.33
CA GLU A 235 5.23 -3.66 -14.57
C GLU A 235 6.70 -3.25 -14.60
N LYS A 236 7.56 -4.12 -14.06
CA LYS A 236 9.00 -3.87 -13.93
C LYS A 236 9.84 -4.60 -14.93
N LYS A 237 9.24 -5.53 -15.67
CA LYS A 237 9.97 -6.36 -16.56
C LYS A 237 9.50 -6.23 -18.01
N LYS A 238 8.87 -7.27 -18.54
CA LYS A 238 8.25 -7.19 -19.85
C LYS A 238 7.18 -6.10 -19.88
N GLY A 239 6.51 -5.82 -18.75
CA GLY A 239 5.50 -4.78 -18.65
C GLY A 239 5.98 -3.36 -18.94
N LEU A 240 7.30 -3.16 -18.99
CA LEU A 240 7.88 -1.91 -19.44
C LEU A 240 7.44 -1.56 -20.85
N ILE A 241 7.10 -2.58 -21.63
CA ILE A 241 6.60 -2.40 -22.96
C ILE A 241 5.44 -1.38 -23.00
N PHE A 242 4.64 -1.25 -21.94
CA PHE A 242 3.45 -0.34 -21.95
C PHE A 242 3.87 1.12 -21.78
N GLU A 243 5.17 1.30 -21.59
CA GLU A 243 5.82 2.63 -21.56
C GLU A 243 6.41 3.02 -22.93
N TYR A 244 6.28 2.19 -23.93
CA TYR A 244 6.58 2.63 -25.32
C TYR A 244 5.99 4.03 -25.60
N GLY A 245 6.87 4.98 -25.96
CA GLY A 245 6.44 6.34 -26.30
C GLY A 245 6.30 7.24 -25.10
N HIS A 246 6.41 6.67 -23.90
CA HIS A 246 6.28 7.39 -22.66
C HIS A 246 7.51 8.18 -22.18
N THR A 247 8.72 7.77 -22.56
CA THR A 247 9.95 8.43 -22.01
C THR A 247 9.96 9.90 -22.41
N ILE A 248 9.98 10.14 -23.73
CA ILE A 248 9.87 11.50 -24.24
C ILE A 248 8.42 12.01 -24.10
N GLY A 249 7.44 11.10 -24.26
CA GLY A 249 6.02 11.47 -24.20
C GLY A 249 5.66 12.15 -22.90
N HIS A 250 6.07 11.56 -21.77
CA HIS A 250 5.78 12.15 -20.47
C HIS A 250 6.41 13.57 -20.35
N ALA A 251 7.62 13.77 -20.85
CA ALA A 251 8.29 15.09 -20.78
C ALA A 251 7.55 16.13 -21.57
N ILE A 252 7.07 15.77 -22.78
CA ILE A 252 6.30 16.65 -23.66
C ILE A 252 4.99 17.00 -22.98
N GLU A 253 4.38 15.99 -22.37
CA GLU A 253 3.14 16.13 -21.65
C GLU A 253 3.25 17.19 -20.50
N LEU A 254 4.30 17.08 -19.67
CA LEU A 254 4.66 18.14 -18.71
C LEU A 254 4.99 19.50 -19.35
N ALA A 255 5.81 19.50 -20.40
CA ALA A 255 6.17 20.77 -21.02
C ALA A 255 4.95 21.54 -21.53
N GLU A 256 3.95 20.81 -22.02
CA GLU A 256 2.79 21.42 -22.62
C GLU A 256 1.79 21.83 -21.56
N GLN A 257 2.05 21.43 -20.31
CA GLN A 257 1.28 21.90 -19.14
C GLN A 257 -0.25 21.76 -19.28
N GLY A 258 -0.74 20.62 -19.80
CA GLY A 258 -2.20 20.40 -19.93
C GLY A 258 -2.76 20.77 -21.30
N GLY A 259 -1.94 21.40 -22.14
CA GLY A 259 -2.33 21.69 -23.50
C GLY A 259 -2.58 20.44 -24.33
N ILE A 260 -1.85 19.34 -24.07
CA ILE A 260 -2.09 18.09 -24.81
C ILE A 260 -2.51 16.95 -23.89
N THR A 261 -3.27 16.00 -24.41
CA THR A 261 -3.62 14.83 -23.63
C THR A 261 -2.40 13.91 -23.42
N HIS A 262 -2.52 13.00 -22.46
CA HIS A 262 -1.55 11.96 -22.27
C HIS A 262 -1.35 11.13 -23.55
N GLY A 263 -2.46 10.73 -24.20
CA GLY A 263 -2.36 9.88 -25.39
C GLY A 263 -1.66 10.59 -26.55
N GLU A 264 -1.95 11.88 -26.73
CA GLU A 264 -1.31 12.69 -27.75
C GLU A 264 0.20 12.78 -27.48
N ALA A 265 0.61 13.06 -26.24
CA ALA A 265 2.04 13.12 -25.92
C ALA A 265 2.75 11.77 -26.23
N ILE A 266 2.04 10.70 -25.94
CA ILE A 266 2.54 9.34 -26.13
C ILE A 266 2.67 8.97 -27.61
N ALA A 267 1.72 9.46 -28.41
CA ALA A 267 1.69 9.25 -29.86
C ALA A 267 2.92 9.92 -30.49
N VAL A 268 3.15 11.17 -30.12
CA VAL A 268 4.37 11.87 -30.49
C VAL A 268 5.63 11.17 -29.98
N GLY A 269 5.61 10.81 -28.70
CA GLY A 269 6.70 10.01 -28.08
C GLY A 269 6.98 8.71 -28.80
N MET A 270 5.97 8.06 -29.36
CA MET A 270 6.22 6.79 -30.13
C MET A 270 6.81 7.10 -31.52
N ILE A 271 6.37 8.20 -32.13
CA ILE A 271 6.95 8.61 -33.42
C ILE A 271 8.50 8.83 -33.24
N TYR A 272 8.88 9.56 -32.21
CA TYR A 272 10.26 9.81 -31.82
C TYR A 272 11.04 8.52 -31.57
N ALA A 273 10.42 7.58 -30.84
CA ALA A 273 11.06 6.31 -30.52
C ALA A 273 11.31 5.50 -31.77
N ALA A 274 10.36 5.53 -32.70
CA ALA A 274 10.51 4.81 -33.95
C ALA A 274 11.67 5.41 -34.78
N LYS A 275 11.70 6.73 -34.88
CA LYS A 275 12.73 7.42 -35.65
C LYS A 275 14.10 7.10 -35.00
N ILE A 276 14.17 7.16 -33.67
CA ILE A 276 15.42 6.85 -32.93
C ILE A 276 15.82 5.40 -33.21
N ALA A 277 14.91 4.43 -33.06
CA ALA A 277 15.28 3.01 -33.30
C ALA A 277 15.80 2.81 -34.73
N ASN A 278 15.24 3.56 -35.66
CA ASN A 278 15.68 3.53 -37.07
C ASN A 278 17.05 4.20 -37.29
N ARG A 279 17.30 5.29 -36.55
CA ARG A 279 18.54 5.97 -36.66
C ARG A 279 19.64 5.19 -35.94
N MET A 280 19.26 4.23 -35.12
CA MET A 280 20.23 3.37 -34.44
C MET A 280 20.41 2.02 -35.15
N ASN A 281 19.84 1.89 -36.34
CA ASN A 281 19.82 0.63 -37.09
C ASN A 281 19.02 -0.53 -36.52
N LEU A 282 18.09 -0.25 -35.61
CA LEU A 282 17.35 -1.31 -34.99
C LEU A 282 16.09 -1.61 -35.78
N MET A 283 15.49 -0.57 -36.36
CA MET A 283 14.16 -0.65 -37.00
C MET A 283 14.19 -0.24 -38.50
N PRO A 284 13.61 -1.09 -39.41
CA PRO A 284 13.50 -0.70 -40.82
C PRO A 284 12.57 0.51 -41.01
N GLU A 285 12.80 1.25 -42.08
CA GLU A 285 12.06 2.45 -42.41
C GLU A 285 10.56 2.14 -42.54
N HIS A 286 10.23 0.99 -43.13
CA HIS A 286 8.83 0.60 -43.36
C HIS A 286 8.06 0.56 -42.06
N ASP A 287 8.73 0.05 -41.01
CA ASP A 287 8.16 0.00 -39.66
C ASP A 287 7.95 1.40 -39.05
N VAL A 288 8.85 2.33 -39.30
CA VAL A 288 8.62 3.71 -38.89
C VAL A 288 7.33 4.24 -39.58
N SER A 289 7.23 3.97 -40.88
CA SER A 289 6.10 4.46 -41.67
C SER A 289 4.87 3.80 -41.13
N ALA A 290 4.96 2.57 -40.64
CA ALA A 290 3.78 1.92 -40.04
C ALA A 290 3.23 2.70 -38.78
N HIS A 291 4.11 3.38 -38.04
CA HIS A 291 3.72 4.23 -36.90
C HIS A 291 2.89 5.43 -37.33
N TYR A 292 3.38 6.14 -38.34
CA TYR A 292 2.66 7.28 -38.86
C TYR A 292 1.33 6.80 -39.45
N TRP A 293 1.33 5.67 -40.14
CA TRP A 293 0.13 5.17 -40.81
C TRP A 293 -1.04 4.83 -39.86
N LEU A 294 -0.74 4.23 -38.72
CA LEU A 294 -1.76 3.84 -37.75
C LEU A 294 -2.18 5.05 -36.95
N LEU A 295 -1.22 5.86 -36.54
CA LEU A 295 -1.55 7.05 -35.79
C LEU A 295 -2.39 8.06 -36.57
N ASN A 296 -2.20 8.14 -37.90
CA ASN A 296 -3.01 9.05 -38.74
C ASN A 296 -4.42 8.54 -38.89
N LYS A 297 -4.57 7.22 -38.87
CA LYS A 297 -5.87 6.57 -38.92
C LYS A 297 -6.78 6.97 -37.75
N ILE A 298 -6.19 7.27 -36.61
CA ILE A 298 -6.97 7.72 -35.46
C ILE A 298 -6.89 9.20 -35.29
N GLY A 299 -6.30 9.87 -36.29
CA GLY A 299 -6.17 11.33 -36.29
C GLY A 299 -5.26 11.85 -35.16
N ALA A 300 -4.35 11.02 -34.68
CA ALA A 300 -3.52 11.37 -33.50
C ALA A 300 -2.63 12.62 -33.65
N LEU A 301 -2.01 12.79 -34.82
CA LEU A 301 -0.94 13.76 -35.05
C LEU A 301 -1.50 15.01 -35.68
N GLN A 302 -2.73 14.89 -36.15
CA GLN A 302 -3.44 15.95 -36.87
C GLN A 302 -3.69 17.21 -36.03
N ASP A 303 -4.28 17.05 -34.86
CA ASP A 303 -4.53 18.21 -34.00
C ASP A 303 -3.20 18.66 -33.38
N ILE A 304 -3.16 18.67 -32.07
CA ILE A 304 -1.89 18.67 -31.34
C ILE A 304 -1.29 20.08 -31.30
N PRO A 305 -1.76 20.86 -30.32
CA PRO A 305 -1.25 22.19 -30.03
C PRO A 305 0.08 22.08 -29.25
N LEU A 306 1.16 21.82 -30.00
CA LEU A 306 2.50 21.74 -29.44
C LEU A 306 3.09 23.15 -29.36
N LYS A 307 3.18 23.67 -28.13
CA LYS A 307 3.55 25.08 -27.87
C LYS A 307 4.87 25.24 -27.12
N SER A 308 5.43 24.16 -26.61
CA SER A 308 6.69 24.25 -25.86
C SER A 308 7.94 24.19 -26.75
N ASP A 309 8.97 24.83 -26.24
CA ASP A 309 10.28 24.85 -26.85
C ASP A 309 11.03 23.56 -26.48
N PRO A 310 11.97 23.14 -27.35
CA PRO A 310 12.85 22.01 -27.12
C PRO A 310 13.49 21.96 -25.74
N ASP A 311 13.98 23.10 -25.24
CA ASP A 311 14.75 23.11 -23.98
C ASP A 311 13.91 22.78 -22.76
N SER A 312 12.67 23.25 -22.75
CA SER A 312 11.69 22.87 -21.74
C SER A 312 11.33 21.38 -21.76
N ILE A 313 11.14 20.79 -22.95
CA ILE A 313 10.96 19.34 -23.02
C ILE A 313 12.16 18.58 -22.47
N PHE A 314 13.40 19.01 -22.80
CA PHE A 314 14.62 18.36 -22.24
C PHE A 314 14.69 18.52 -20.73
N HIS A 315 14.36 19.72 -20.23
CA HIS A 315 14.34 19.95 -18.77
C HIS A 315 13.47 18.92 -18.05
N TYR A 316 12.26 18.70 -18.56
CA TYR A 316 11.33 17.81 -17.87
C TYR A 316 11.82 16.37 -17.91
N LEU A 317 12.57 16.04 -18.95
CA LEU A 317 13.05 14.69 -19.20
C LEU A 317 14.21 14.25 -18.28
N ILE A 318 15.14 15.18 -17.99
CA ILE A 318 16.30 14.88 -17.15
C ILE A 318 16.02 15.15 -15.67
N HIS A 319 14.92 15.86 -15.38
CA HIS A 319 14.53 16.07 -13.99
C HIS A 319 13.36 15.17 -13.52
N ASP A 320 13.07 14.11 -14.27
CA ASP A 320 11.89 13.25 -14.04
C ASP A 320 12.20 11.97 -13.24
N ASN A 321 11.33 11.69 -12.27
CA ASN A 321 11.51 10.59 -11.31
C ASN A 321 10.34 9.56 -11.25
N LYS A 322 9.32 9.76 -12.08
CA LYS A 322 8.11 8.91 -12.04
C LYS A 322 8.34 7.52 -12.66
N ARG A 323 9.47 7.36 -13.34
CA ARG A 323 10.01 6.04 -13.72
C ARG A 323 11.49 5.97 -13.29
N GLY A 324 11.89 4.81 -12.75
CA GLY A 324 13.29 4.52 -12.45
C GLY A 324 14.14 4.29 -13.71
N TYR A 325 15.44 4.61 -13.61
CA TYR A 325 16.41 4.39 -14.69
C TYR A 325 16.11 5.11 -16.00
N ILE A 326 15.73 6.39 -15.95
CA ILE A 326 15.58 7.15 -17.20
C ILE A 326 16.98 7.54 -17.70
N LYS A 327 17.75 8.26 -16.85
CA LYS A 327 19.12 8.68 -17.18
C LYS A 327 20.11 7.63 -16.69
N LEU A 328 20.78 6.98 -17.63
CA LEU A 328 21.69 5.86 -17.33
C LEU A 328 23.06 6.36 -16.86
N ASP A 329 23.65 7.19 -17.71
CA ASP A 329 24.86 7.89 -17.41
C ASP A 329 24.73 9.30 -17.99
N GLU A 330 25.86 9.98 -18.16
CA GLU A 330 25.89 11.39 -18.54
C GLU A 330 25.39 11.59 -19.97
N ASP A 331 25.62 10.57 -20.79
CA ASP A 331 25.40 10.69 -22.22
C ASP A 331 24.14 9.98 -22.77
N ASN A 332 23.48 9.18 -21.91
CA ASN A 332 22.53 8.18 -22.36
C ASN A 332 21.30 8.13 -21.48
N LEU A 333 20.15 7.99 -22.14
CA LEU A 333 18.85 7.70 -21.50
C LEU A 333 18.41 6.35 -21.96
N GLY A 334 17.74 5.60 -21.08
CA GLY A 334 17.18 4.27 -21.46
C GLY A 334 15.80 4.49 -22.05
N MET A 335 15.53 3.90 -23.20
CA MET A 335 14.21 4.01 -23.83
C MET A 335 13.76 2.63 -24.21
N ILE A 336 12.44 2.42 -24.24
CA ILE A 336 11.81 1.22 -24.82
C ILE A 336 11.74 1.44 -26.34
N LEU A 337 12.55 0.69 -27.08
CA LEU A 337 12.59 0.82 -28.54
C LEU A 337 12.15 -0.49 -29.13
N LEU A 338 11.77 -0.46 -30.42
CA LEU A 338 11.37 -1.66 -31.14
C LEU A 338 12.32 -1.92 -32.28
N SER A 339 12.61 -3.19 -32.58
CA SER A 339 13.20 -3.52 -33.85
C SER A 339 12.18 -3.60 -35.01
N GLY A 340 10.89 -3.59 -34.71
CA GLY A 340 9.87 -3.63 -35.73
C GLY A 340 8.51 -3.69 -35.09
N VAL A 341 7.46 -3.49 -35.87
CA VAL A 341 6.08 -3.54 -35.36
C VAL A 341 5.96 -4.92 -34.75
N GLY A 342 5.52 -4.98 -33.50
CA GLY A 342 5.39 -6.27 -32.81
C GLY A 342 6.64 -6.83 -32.16
N LYS A 343 7.78 -6.19 -32.35
CA LYS A 343 9.10 -6.71 -31.94
C LYS A 343 9.90 -5.77 -31.05
N PRO A 344 9.67 -5.82 -29.72
CA PRO A 344 10.44 -5.06 -28.77
C PRO A 344 11.95 -5.30 -28.92
N ALA A 345 12.77 -4.28 -28.75
CA ALA A 345 14.23 -4.50 -28.79
C ALA A 345 14.81 -4.79 -27.39
N MET A 346 15.45 -5.93 -27.22
CA MET A 346 16.08 -6.26 -25.92
C MET A 346 17.49 -5.68 -25.87
N TYR A 347 17.96 -5.35 -24.68
CA TYR A 347 19.33 -4.96 -24.43
C TYR A 347 19.68 -5.51 -23.06
N ASN A 348 20.72 -6.34 -22.94
CA ASN A 348 21.13 -6.91 -21.63
C ASN A 348 19.96 -7.56 -20.87
N GLN A 349 19.11 -8.31 -21.55
CA GLN A 349 17.99 -8.98 -20.85
C GLN A 349 16.97 -8.01 -20.23
N THR A 350 16.96 -6.75 -20.68
CA THR A 350 15.90 -5.81 -20.31
C THR A 350 15.35 -5.09 -21.53
N LEU A 351 14.22 -4.40 -21.35
CA LEU A 351 13.62 -3.65 -22.43
C LEU A 351 14.11 -2.22 -22.51
N LEU A 352 15.11 -1.88 -21.70
CA LEU A 352 15.70 -0.54 -21.77
C LEU A 352 17.00 -0.48 -22.59
N THR A 353 16.89 0.07 -23.80
CA THR A 353 18.03 0.32 -24.69
C THR A 353 18.60 1.70 -24.38
N PRO A 354 19.94 1.80 -24.19
CA PRO A 354 20.58 3.08 -23.91
C PRO A 354 20.51 3.92 -25.18
N VAL A 355 20.09 5.17 -25.08
CA VAL A 355 19.99 6.04 -26.25
C VAL A 355 20.80 7.32 -26.00
N ARG A 356 21.69 7.66 -26.95
CA ARG A 356 22.52 8.84 -26.82
C ARG A 356 21.67 10.05 -26.83
N LYS A 357 21.94 10.93 -25.87
CA LYS A 357 21.24 12.20 -25.74
C LYS A 357 21.25 13.01 -27.04
N THR A 358 22.29 12.82 -27.87
CA THR A 358 22.34 13.44 -29.20
C THR A 358 21.08 13.17 -30.01
N LEU A 359 20.70 11.90 -30.12
CA LEU A 359 19.56 11.51 -30.95
C LEU A 359 18.21 11.99 -30.38
N ILE A 360 18.15 12.07 -29.05
CA ILE A 360 16.96 12.46 -28.35
C ILE A 360 16.68 13.95 -28.54
N LYS A 361 17.71 14.77 -28.28
CA LYS A 361 17.64 16.23 -28.56
C LYS A 361 17.32 16.53 -30.02
N GLU A 362 17.93 15.77 -30.93
CA GLU A 362 17.69 15.92 -32.36
C GLU A 362 16.20 15.72 -32.73
N VAL A 363 15.66 14.57 -32.37
CA VAL A 363 14.26 14.26 -32.71
C VAL A 363 13.28 15.24 -32.04
N ILE A 364 13.58 15.67 -30.82
CA ILE A 364 12.77 16.65 -30.09
C ILE A 364 12.74 18.03 -30.76
N ARG A 365 13.90 18.45 -31.22
CA ARG A 365 14.04 19.75 -31.87
C ARG A 365 13.40 19.73 -33.26
N GLU A 366 13.42 18.62 -33.96
CA GLU A 366 12.90 18.62 -35.30
C GLU A 366 11.37 18.39 -35.35
N GLY A 367 10.83 17.84 -34.26
CA GLY A 367 9.39 17.60 -34.15
C GLY A 367 8.72 16.80 -35.25
N LEU A 368 7.46 17.14 -35.52
CA LEU A 368 6.81 16.57 -36.69
C LEU A 368 6.35 17.67 -37.65
N THR B 2 23.66 -11.52 17.30
CA THR B 2 22.73 -12.62 16.87
C THR B 2 21.89 -12.11 15.70
N THR B 3 21.83 -12.95 14.67
CA THR B 3 21.10 -12.70 13.46
C THR B 3 20.09 -13.86 13.29
N LYS B 4 18.83 -13.51 13.01
CA LYS B 4 17.82 -14.49 12.60
C LYS B 4 17.23 -14.04 11.29
N GLN B 5 17.17 -14.96 10.34
CA GLN B 5 16.42 -14.69 9.13
C GLN B 5 14.93 -14.84 9.42
N ILE B 6 14.19 -13.81 9.05
CA ILE B 6 12.75 -13.74 9.25
C ILE B 6 12.16 -13.76 7.85
N CYS B 7 11.17 -14.63 7.63
CA CYS B 7 10.52 -14.74 6.34
C CYS B 7 9.03 -14.61 6.47
N PHE B 8 8.49 -13.58 5.82
CA PHE B 8 7.06 -13.46 5.65
C PHE B 8 6.74 -14.03 4.26
N ALA B 9 6.27 -15.26 4.22
CA ALA B 9 6.19 -16.01 2.94
C ALA B 9 7.57 -15.98 2.26
N ASP B 10 7.66 -15.25 1.15
CA ASP B 10 8.84 -15.18 0.31
C ASP B 10 9.66 -13.89 0.52
N ARG B 11 9.24 -13.02 1.44
CA ARG B 11 9.90 -11.73 1.67
C ARG B 11 10.72 -11.85 2.98
N CYS B 12 12.05 -11.99 2.85
CA CYS B 12 12.88 -12.24 4.01
C CYS B 12 13.73 -11.04 4.36
N PHE B 13 14.08 -10.97 5.64
CA PHE B 13 15.10 -10.09 6.14
C PHE B 13 15.87 -10.68 7.34
N ASN B 14 17.13 -10.27 7.47
CA ASN B 14 17.94 -10.50 8.67
C ASN B 14 17.62 -9.54 9.79
N PHE B 15 17.31 -10.15 10.93
CA PHE B 15 17.08 -9.41 12.17
C PHE B 15 18.32 -9.66 13.03
N ALA B 16 19.15 -8.64 13.10
CA ALA B 16 20.34 -8.63 13.95
C ALA B 16 20.01 -7.95 15.27
N PHE B 17 20.42 -8.57 16.37
CA PHE B 17 20.16 -8.03 17.72
C PHE B 17 21.26 -8.42 18.70
N GLY B 18 21.73 -7.45 19.45
CA GLY B 18 22.77 -7.68 20.44
C GLY B 18 23.32 -6.30 20.73
N GLU B 19 24.35 -6.22 21.58
CA GLU B 19 24.90 -4.95 22.05
C GLU B 19 25.75 -4.32 20.99
N HIS B 20 25.68 -3.00 20.90
CA HIS B 20 26.41 -2.24 19.89
C HIS B 20 26.25 -2.92 18.50
N VAL B 21 25.01 -3.30 18.18
CA VAL B 21 24.72 -3.99 16.92
C VAL B 21 24.95 -3.05 15.71
N LEU B 22 24.72 -1.75 15.89
CA LEU B 22 24.90 -0.77 14.83
C LEU B 22 26.36 -0.52 14.47
N GLU B 23 27.23 -0.81 15.45
CA GLU B 23 28.69 -0.74 15.21
C GLU B 23 29.12 -1.72 14.13
N SER B 24 28.36 -2.80 13.94
CA SER B 24 28.73 -3.82 12.99
C SER B 24 27.87 -3.81 11.72
N VAL B 25 27.30 -2.64 11.37
CA VAL B 25 26.33 -2.49 10.24
C VAL B 25 26.92 -2.88 8.85
N GLU B 26 28.22 -2.62 8.67
CA GLU B 26 28.96 -2.89 7.42
C GLU B 26 29.11 -4.39 7.13
N SER B 27 28.68 -5.21 8.09
CA SER B 27 28.72 -6.64 7.97
C SER B 27 27.39 -7.24 7.48
N TYR B 28 26.36 -6.37 7.41
CA TYR B 28 24.98 -6.77 7.00
C TYR B 28 24.49 -6.20 5.67
N ILE B 29 24.67 -4.90 5.51
CA ILE B 29 24.31 -4.19 4.30
C ILE B 29 25.57 -3.96 3.45
N PRO B 30 25.58 -4.42 2.17
CA PRO B 30 26.69 -3.99 1.30
C PRO B 30 26.82 -2.48 1.13
N ARG B 31 28.04 -2.07 0.81
CA ARG B 31 28.38 -0.70 0.40
C ARG B 31 27.54 -0.12 -0.75
N ASP B 32 27.44 -0.91 -1.82
CA ASP B 32 26.75 -0.53 -3.06
C ASP B 32 25.24 -0.28 -2.77
N GLU B 33 24.68 -1.17 -1.94
CA GLU B 33 23.24 -1.32 -1.71
C GLU B 33 22.37 -0.05 -1.74
N PHE B 34 22.61 0.92 -0.86
CA PHE B 34 21.83 2.17 -0.82
C PHE B 34 22.68 3.45 -1.02
N ASP B 35 22.16 4.42 -1.77
CA ASP B 35 22.94 5.60 -2.02
C ASP B 35 22.81 6.61 -0.87
N GLN B 36 21.94 6.33 0.09
CA GLN B 36 21.51 7.36 1.02
C GLN B 36 20.56 6.76 2.03
N TYR B 37 20.53 7.39 3.23
CA TYR B 37 19.77 6.90 4.38
C TYR B 37 19.03 8.10 4.88
N ILE B 38 17.71 8.03 4.86
CA ILE B 38 16.84 9.02 5.49
C ILE B 38 16.37 8.38 6.80
N MET B 39 16.92 8.91 7.88
CA MET B 39 16.69 8.37 9.16
C MET B 39 15.57 9.16 9.76
N ILE B 40 14.44 8.50 9.99
CA ILE B 40 13.26 9.15 10.56
C ILE B 40 13.08 8.75 12.05
N SER B 41 12.88 9.72 12.94
CA SER B 41 12.57 9.47 14.37
C SER B 41 11.67 10.54 14.93
N ASP B 42 10.65 10.11 15.65
CA ASP B 42 9.74 11.04 16.24
C ASP B 42 10.49 11.83 17.33
N SER B 43 9.94 12.96 17.70
CA SER B 43 10.65 13.86 18.59
C SER B 43 10.91 13.26 20.00
N GLY B 44 10.16 12.24 20.42
CA GLY B 44 10.34 11.62 21.74
C GLY B 44 11.53 10.69 21.89
N VAL B 45 12.19 10.31 20.79
CA VAL B 45 13.34 9.42 20.80
C VAL B 45 14.59 10.17 21.30
N PRO B 46 15.27 9.68 22.38
CA PRO B 46 16.50 10.35 22.84
C PRO B 46 17.43 10.72 21.69
N ASP B 47 17.81 11.99 21.59
CA ASP B 47 18.65 12.44 20.46
C ASP B 47 19.93 11.69 20.41
N SER B 48 20.44 11.27 21.55
CA SER B 48 21.67 10.49 21.57
C SER B 48 21.56 9.19 20.77
N ILE B 49 20.40 8.56 20.81
CA ILE B 49 20.22 7.31 20.06
C ILE B 49 20.22 7.68 18.56
N VAL B 50 19.49 8.72 18.22
CA VAL B 50 19.35 9.13 16.82
C VAL B 50 20.74 9.46 16.26
N HIS B 51 21.52 10.26 17.00
CA HIS B 51 22.85 10.67 16.49
C HIS B 51 23.79 9.46 16.45
N TYR B 52 23.67 8.63 17.46
CA TYR B 52 24.42 7.39 17.49
C TYR B 52 24.16 6.54 16.22
N ALA B 53 22.89 6.33 15.88
CA ALA B 53 22.55 5.57 14.68
C ALA B 53 22.99 6.27 13.37
N ALA B 54 22.80 7.60 13.28
CA ALA B 54 23.30 8.39 12.11
C ALA B 54 24.81 8.20 11.85
N GLU B 55 25.55 8.19 12.95
CA GLU B 55 27.01 7.99 12.94
C GLU B 55 27.37 6.69 12.25
N TYR B 56 26.72 5.57 12.58
CA TYR B 56 27.12 4.26 11.97
C TYR B 56 26.62 3.98 10.55
N PHE B 57 25.46 4.56 10.20
CA PHE B 57 24.86 4.42 8.85
C PHE B 57 25.68 5.31 7.89
N GLY B 58 26.10 6.49 8.37
CA GLY B 58 27.12 7.34 7.71
C GLY B 58 28.40 6.69 7.21
N LYS B 59 28.77 5.55 7.81
CA LYS B 59 29.94 4.75 7.35
C LYS B 59 29.63 4.08 6.01
N LEU B 60 28.34 4.10 5.67
CA LEU B 60 27.90 3.47 4.43
C LEU B 60 27.51 4.48 3.34
N ALA B 61 26.84 5.57 3.71
CA ALA B 61 26.32 6.51 2.71
C ALA B 61 25.81 7.73 3.44
N PRO B 62 25.60 8.86 2.73
CA PRO B 62 25.07 10.04 3.41
C PRO B 62 23.79 9.74 4.19
N VAL B 63 23.69 10.30 5.40
CA VAL B 63 22.49 10.14 6.23
C VAL B 63 21.92 11.49 6.44
N HIS B 64 20.62 11.66 6.21
CA HIS B 64 19.92 12.85 6.67
C HIS B 64 18.88 12.42 7.69
N ILE B 65 18.74 13.23 8.73
CA ILE B 65 17.90 12.94 9.85
C ILE B 65 16.64 13.77 9.67
N LEU B 66 15.48 13.12 9.74
CA LEU B 66 14.21 13.83 9.71
C LEU B 66 13.47 13.55 11.01
N ARG B 67 13.23 14.61 11.79
CA ARG B 67 12.46 14.50 13.02
C ARG B 67 11.02 14.97 12.73
N PHE B 68 10.08 14.43 13.50
CA PHE B 68 8.71 14.83 13.37
C PHE B 68 8.11 14.79 14.74
N GLN B 69 7.09 15.57 14.94
CA GLN B 69 6.47 15.64 16.26
C GLN B 69 5.90 14.29 16.64
N GLY B 70 6.33 13.80 17.80
CA GLY B 70 5.87 12.51 18.33
C GLY B 70 4.45 12.60 18.83
N GLY B 71 3.93 11.49 19.35
CA GLY B 71 2.60 11.47 19.96
C GLY B 71 1.53 10.95 19.01
N GLU B 72 0.53 10.32 19.58
CA GLU B 72 -0.49 9.64 18.80
C GLU B 72 -1.38 10.60 18.03
N GLU B 73 -1.40 11.86 18.47
CA GLU B 73 -2.21 12.90 17.82
C GLU B 73 -1.65 13.32 16.50
N TYR B 74 -0.35 13.12 16.31
CA TYR B 74 0.38 13.54 15.10
C TYR B 74 0.80 12.37 14.24
N LYS B 75 0.26 11.18 14.56
CA LYS B 75 0.64 9.94 13.87
C LYS B 75 -0.42 9.75 12.74
N THR B 76 -0.24 10.48 11.66
CA THR B 76 -1.27 10.68 10.64
C THR B 76 -0.63 10.67 9.26
N LEU B 77 -1.47 10.55 8.24
CA LEU B 77 -0.98 10.60 6.84
C LEU B 77 -0.38 11.92 6.47
N SER B 78 -0.86 12.97 7.10
CA SER B 78 -0.27 14.30 6.97
C SER B 78 1.18 14.41 7.49
N THR B 79 1.57 13.63 8.51
CA THR B 79 2.95 13.61 8.95
C THR B 79 3.75 12.83 7.95
N VAL B 80 3.17 11.75 7.46
CA VAL B 80 3.82 10.93 6.43
C VAL B 80 4.14 11.78 5.20
N THR B 81 3.16 12.48 4.69
CA THR B 81 3.37 13.39 3.50
C THR B 81 4.49 14.41 3.74
N ASN B 82 4.50 15.00 4.92
CA ASN B 82 5.53 15.96 5.22
C ASN B 82 6.92 15.30 5.22
N LEU B 83 6.99 14.09 5.76
CA LEU B 83 8.23 13.33 5.75
C LEU B 83 8.72 12.93 4.35
N GLN B 84 7.79 12.56 3.49
CA GLN B 84 8.08 12.18 2.10
C GLN B 84 8.59 13.35 1.25
N GLU B 85 7.90 14.49 1.36
CA GLU B 85 8.21 15.73 0.68
C GLU B 85 9.62 16.20 1.06
N ARG B 86 9.91 16.16 2.37
CA ARG B 86 11.25 16.54 2.88
C ARG B 86 12.29 15.61 2.40
N ALA B 87 11.96 14.32 2.32
CA ALA B 87 12.92 13.35 1.81
C ALA B 87 13.17 13.62 0.32
N ILE B 88 12.12 13.97 -0.44
CA ILE B 88 12.29 14.29 -1.87
C ILE B 88 13.16 15.55 -1.99
N ALA B 89 12.85 16.59 -1.23
CA ALA B 89 13.71 17.76 -1.21
C ALA B 89 15.21 17.46 -0.96
N LEU B 90 15.50 16.33 -0.31
CA LEU B 90 16.89 15.95 -0.02
C LEU B 90 17.46 15.04 -1.08
N GLY B 91 16.68 14.73 -2.09
CA GLY B 91 17.20 13.95 -3.20
C GLY B 91 16.92 12.49 -3.02
N ALA B 92 15.99 12.15 -2.12
CA ALA B 92 15.58 10.74 -1.96
C ALA B 92 15.19 10.11 -3.31
N ASN B 93 15.56 8.85 -3.52
CA ASN B 93 15.21 8.15 -4.76
C ASN B 93 15.08 6.65 -4.56
N ARG B 94 14.95 5.91 -5.65
CA ARG B 94 14.67 4.49 -5.59
C ARG B 94 15.76 3.68 -4.88
N ARG B 95 16.92 4.30 -4.66
CA ARG B 95 18.06 3.59 -4.08
C ARG B 95 18.32 4.04 -2.63
N THR B 96 17.52 4.98 -2.15
CA THR B 96 17.44 5.43 -0.74
C THR B 96 16.76 4.38 0.12
N ALA B 97 17.20 4.31 1.39
CA ALA B 97 16.59 3.48 2.41
C ALA B 97 16.09 4.43 3.43
N ILE B 98 14.92 4.11 3.97
CA ILE B 98 14.39 4.82 5.12
C ILE B 98 14.79 4.03 6.39
N VAL B 99 15.38 4.73 7.37
CA VAL B 99 15.85 4.06 8.57
C VAL B 99 14.99 4.53 9.74
N ALA B 100 14.16 3.64 10.28
CA ALA B 100 13.21 4.08 11.31
C ALA B 100 13.78 3.81 12.72
N VAL B 101 14.13 4.88 13.42
CA VAL B 101 14.85 4.79 14.71
C VAL B 101 13.90 5.28 15.77
N GLY B 102 13.32 4.35 16.53
CA GLY B 102 12.29 4.78 17.47
C GLY B 102 11.49 3.58 17.89
N GLY B 103 10.34 3.84 18.53
CA GLY B 103 9.47 2.81 18.98
C GLY B 103 8.49 2.50 17.87
N GLY B 104 7.34 1.96 18.24
CA GLY B 104 6.39 1.43 17.26
C GLY B 104 5.73 2.58 16.48
N LEU B 105 5.59 3.75 17.11
CA LEU B 105 5.07 4.92 16.46
C LEU B 105 5.96 5.38 15.33
N THR B 106 7.27 5.52 15.59
CA THR B 106 8.22 5.87 14.53
C THR B 106 8.27 4.79 13.43
N GLY B 107 8.31 3.51 13.85
CA GLY B 107 8.20 2.40 12.92
C GLY B 107 7.02 2.44 11.98
N ASN B 108 5.83 2.71 12.50
CA ASN B 108 4.63 2.79 11.67
C ASN B 108 4.63 3.99 10.74
N VAL B 109 5.07 5.14 11.21
CA VAL B 109 5.10 6.38 10.38
C VAL B 109 6.11 6.23 9.24
N ALA B 110 7.30 5.72 9.56
CA ALA B 110 8.34 5.50 8.56
C ALA B 110 7.97 4.34 7.64
N GLY B 111 7.34 3.30 8.20
CA GLY B 111 6.79 2.17 7.43
C GLY B 111 5.82 2.58 6.30
N VAL B 112 4.81 3.39 6.64
CA VAL B 112 3.86 3.94 5.63
C VAL B 112 4.61 4.85 4.61
N ALA B 113 5.47 5.74 5.11
CA ALA B 113 6.26 6.63 4.29
C ALA B 113 7.01 5.82 3.26
N ALA B 114 7.77 4.83 3.75
CA ALA B 114 8.60 3.96 2.93
C ALA B 114 7.84 3.08 1.97
N GLY B 115 6.71 2.54 2.42
CA GLY B 115 5.90 1.67 1.59
C GLY B 115 5.33 2.37 0.39
N MET B 116 5.18 3.70 0.49
CA MET B 116 4.53 4.50 -0.57
C MET B 116 5.47 5.24 -1.56
N MET B 117 6.70 5.52 -1.15
CA MET B 117 7.61 6.39 -1.93
C MET B 117 8.07 5.58 -3.09
N PHE B 118 7.80 6.07 -4.31
CA PHE B 118 8.12 5.34 -5.56
C PHE B 118 7.43 3.99 -5.56
N ARG B 119 6.28 3.95 -4.87
CA ARG B 119 5.55 2.70 -4.60
C ARG B 119 6.32 1.62 -3.83
N GLY B 120 7.30 2.05 -3.04
CA GLY B 120 8.03 1.16 -2.15
C GLY B 120 9.54 1.28 -2.25
N ILE B 121 10.17 1.91 -1.26
CA ILE B 121 11.62 1.85 -1.06
C ILE B 121 11.97 1.05 0.22
N ALA B 122 13.28 0.82 0.43
CA ALA B 122 13.77 0.04 1.56
C ALA B 122 13.46 0.64 2.90
N LEU B 123 12.91 -0.19 3.75
CA LEU B 123 12.60 0.19 5.13
C LEU B 123 13.62 -0.51 6.01
N ILE B 124 14.22 0.23 6.93
CA ILE B 124 15.16 -0.39 7.85
C ILE B 124 14.68 -0.03 9.26
N HIS B 125 14.42 -1.05 10.07
CA HIS B 125 14.09 -0.78 11.47
C HIS B 125 15.27 -0.75 12.43
N VAL B 126 15.36 0.31 13.22
CA VAL B 126 16.22 0.28 14.39
C VAL B 126 15.34 0.45 15.64
N PRO B 127 14.71 -0.65 16.10
CA PRO B 127 13.73 -0.49 17.18
C PRO B 127 14.41 -0.14 18.50
N THR B 128 14.01 0.96 19.10
CA THR B 128 14.59 1.42 20.36
C THR B 128 13.70 1.18 21.61
N THR B 129 12.55 0.52 21.46
CA THR B 129 11.79 0.10 22.61
C THR B 129 11.66 -1.40 22.56
N PHE B 130 11.57 -2.02 23.73
CA PHE B 130 11.44 -3.45 23.78
C PHE B 130 10.12 -3.95 23.09
N LEU B 131 9.01 -3.21 23.24
CA LEU B 131 7.77 -3.55 22.56
C LEU B 131 8.01 -3.62 21.04
N ALA B 132 8.70 -2.60 20.48
CA ALA B 132 8.93 -2.55 19.04
C ALA B 132 9.88 -3.67 18.64
N ALA B 133 10.93 -3.88 19.43
CA ALA B 133 11.94 -4.89 19.09
C ALA B 133 11.41 -6.33 19.13
N SER B 134 10.46 -6.60 20.04
CA SER B 134 10.05 -7.98 20.30
C SER B 134 8.62 -8.25 19.81
N ASP B 135 7.92 -7.20 19.34
CA ASP B 135 6.56 -7.35 18.83
C ASP B 135 6.23 -6.65 17.49
N SER B 136 6.31 -5.33 17.46
CA SER B 136 5.82 -4.61 16.30
C SER B 136 6.68 -4.73 15.07
N VAL B 137 7.95 -5.03 15.25
CA VAL B 137 8.88 -5.28 14.15
C VAL B 137 8.70 -6.71 13.64
N LEU B 138 7.99 -7.53 14.42
CA LEU B 138 7.66 -8.93 14.02
C LEU B 138 6.19 -8.98 13.52
N SER B 139 5.94 -8.15 12.50
CA SER B 139 4.65 -7.97 11.87
C SER B 139 5.00 -7.07 10.68
N ILE B 140 4.38 -7.29 9.50
CA ILE B 140 4.56 -6.38 8.35
C ILE B 140 3.42 -5.34 8.18
N LYS B 141 2.57 -5.28 9.20
CA LYS B 141 1.46 -4.35 9.33
C LYS B 141 2.04 -2.99 9.54
N GLN B 142 1.52 -2.01 8.80
CA GLN B 142 1.93 -0.59 8.93
C GLN B 142 0.68 0.15 8.98
N ALA B 143 0.62 1.20 9.78
CA ALA B 143 -0.60 1.97 9.90
C ALA B 143 -0.37 3.29 10.57
N VAL B 144 -1.24 4.26 10.29
CA VAL B 144 -1.26 5.54 11.02
C VAL B 144 -2.72 5.82 11.37
N ASN B 145 -2.96 6.93 12.06
CA ASN B 145 -4.30 7.28 12.55
C ASN B 145 -5.02 8.22 11.64
N LEU B 146 -6.34 8.09 11.74
CA LEU B 146 -7.34 9.04 11.24
C LEU B 146 -7.94 9.75 12.48
N THR B 147 -8.45 10.97 12.32
CA THR B 147 -9.31 11.61 13.35
C THR B 147 -10.27 10.64 14.09
N SER B 148 -10.96 9.82 13.33
CA SER B 148 -11.98 8.90 13.84
C SER B 148 -11.43 7.68 14.58
N GLY B 149 -10.11 7.54 14.60
CA GLY B 149 -9.55 6.38 15.27
C GLY B 149 -8.18 5.88 14.86
N LYS B 150 -7.74 4.89 15.64
CA LYS B 150 -6.39 4.41 15.69
C LYS B 150 -6.10 3.43 14.57
N ASN B 151 -4.99 3.69 13.87
CA ASN B 151 -4.47 2.73 12.90
C ASN B 151 -5.46 2.29 11.84
N LEU B 152 -6.25 3.26 11.40
CA LEU B 152 -7.31 2.93 10.49
C LEU B 152 -6.83 2.95 9.05
N VAL B 153 -5.64 3.48 8.79
CA VAL B 153 -5.13 3.59 7.42
C VAL B 153 -3.71 3.04 7.33
N GLY B 154 -3.51 2.03 6.49
CA GLY B 154 -2.20 1.49 6.38
C GLY B 154 -2.20 0.34 5.40
N PHE B 155 -1.25 -0.56 5.54
CA PHE B 155 -1.06 -1.64 4.59
C PHE B 155 -0.02 -2.62 5.17
N TYR B 156 0.34 -3.61 4.38
CA TYR B 156 1.36 -4.57 4.76
C TYR B 156 2.64 -4.31 3.95
N TYR B 157 3.78 -4.21 4.62
CA TYR B 157 4.99 -3.84 3.94
C TYR B 157 6.17 -4.34 4.77
N PRO B 158 6.99 -5.25 4.20
CA PRO B 158 8.10 -5.75 4.97
C PRO B 158 9.38 -4.87 4.96
N PRO B 159 10.19 -4.97 6.01
CA PRO B 159 11.44 -4.24 6.03
C PRO B 159 12.60 -5.04 5.38
N ARG B 160 13.69 -4.37 5.07
CA ARG B 160 14.85 -5.02 4.43
C ARG B 160 15.85 -5.55 5.47
N PHE B 161 15.97 -4.84 6.58
CA PHE B 161 16.85 -5.20 7.70
C PHE B 161 16.19 -4.72 8.99
N VAL B 162 16.55 -5.38 10.09
CA VAL B 162 16.17 -4.92 11.45
C VAL B 162 17.40 -5.07 12.38
N PHE B 163 17.73 -3.99 13.09
CA PHE B 163 18.83 -3.95 14.05
C PHE B 163 18.33 -3.51 15.42
N ALA B 164 18.42 -4.42 16.39
CA ALA B 164 17.95 -4.08 17.72
C ALA B 164 19.14 -4.14 18.62
N ASP B 165 19.53 -2.98 19.11
CA ASP B 165 20.61 -2.87 20.04
C ASP B 165 20.11 -3.21 21.47
N THR B 166 20.52 -4.36 22.00
CA THR B 166 20.08 -4.77 23.36
C THR B 166 20.62 -3.91 24.51
N ARG B 167 21.71 -3.19 24.26
CA ARG B 167 22.21 -2.28 25.23
C ARG B 167 21.25 -1.10 25.39
N ILE B 168 20.89 -0.47 24.26
CA ILE B 168 19.86 0.57 24.29
C ILE B 168 18.57 0.10 24.99
N LEU B 169 18.13 -1.11 24.64
CA LEU B 169 16.87 -1.64 25.19
C LEU B 169 17.01 -1.91 26.65
N SER B 170 18.20 -2.35 27.10
CA SER B 170 18.41 -2.62 28.54
C SER B 170 18.34 -1.35 29.36
N GLU B 171 18.47 -0.21 28.74
CA GLU B 171 18.48 1.06 29.49
C GLU B 171 17.19 1.87 29.25
N SER B 172 16.24 1.29 28.54
CA SER B 172 14.94 2.01 28.31
C SER B 172 14.14 2.01 29.60
N PRO B 173 13.18 2.93 29.74
CA PRO B 173 12.41 2.97 30.94
C PRO B 173 11.78 1.61 31.30
N PRO B 174 11.79 1.21 32.59
CA PRO B 174 11.12 -0.05 32.99
C PRO B 174 9.64 -0.15 32.59
N ARG B 175 8.87 0.95 32.64
CA ARG B 175 7.44 0.83 32.25
C ARG B 175 7.24 0.45 30.77
N GLN B 176 8.19 0.89 29.94
CA GLN B 176 8.22 0.59 28.53
C GLN B 176 8.62 -0.84 28.23
N VAL B 177 9.59 -1.34 28.98
CA VAL B 177 9.98 -2.75 28.94
C VAL B 177 8.82 -3.63 29.34
N LYS B 178 8.12 -3.27 30.42
CA LYS B 178 6.91 -3.98 30.89
C LYS B 178 5.86 -4.16 29.79
N ALA B 179 5.62 -3.10 29.02
CA ALA B 179 4.66 -3.12 27.94
C ALA B 179 5.03 -4.23 26.96
N GLY B 180 6.30 -4.34 26.58
CA GLY B 180 6.67 -5.43 25.70
C GLY B 180 6.67 -6.79 26.40
N MET B 181 7.00 -6.83 27.69
CA MET B 181 6.88 -8.07 28.51
C MET B 181 5.43 -8.64 28.65
N CYS B 182 4.44 -7.74 28.66
CA CYS B 182 3.04 -8.11 28.60
C CYS B 182 2.75 -8.88 27.33
N GLU B 183 3.35 -8.51 26.18
CA GLU B 183 3.02 -9.19 24.89
C GLU B 183 3.78 -10.56 24.86
N LEU B 184 4.96 -10.57 25.49
CA LEU B 184 5.75 -11.79 25.71
C LEU B 184 4.92 -12.74 26.56
N VAL B 185 4.37 -12.29 27.67
CA VAL B 185 3.51 -13.16 28.49
C VAL B 185 2.37 -13.66 27.62
N LYS B 186 1.84 -12.80 26.72
CA LYS B 186 0.70 -13.17 25.88
C LYS B 186 1.13 -14.35 24.99
N ASN B 187 2.35 -14.29 24.44
CA ASN B 187 2.94 -15.36 23.62
C ASN B 187 3.02 -16.67 24.42
N MET B 188 3.49 -16.58 25.67
CA MET B 188 3.55 -17.72 26.59
C MET B 188 2.18 -18.36 26.85
N LEU B 189 1.15 -17.55 26.89
CA LEU B 189 -0.18 -17.98 27.23
C LEU B 189 -0.87 -18.60 26.01
N ILE B 190 -0.53 -18.16 24.81
CA ILE B 190 -1.29 -18.56 23.62
C ILE B 190 -0.64 -19.72 22.84
N LEU B 191 0.67 -19.92 22.98
CA LEU B 191 1.35 -20.96 22.22
C LEU B 191 1.92 -22.01 23.17
N GLU B 192 1.98 -23.24 22.75
CA GLU B 192 2.64 -24.28 23.58
C GLU B 192 4.12 -24.24 23.28
N ASN B 193 4.96 -24.22 24.31
CA ASN B 193 6.44 -24.26 24.14
C ASN B 193 7.13 -24.86 25.37
N ASP B 194 7.47 -26.14 25.26
CA ASP B 194 8.16 -26.81 26.39
C ASP B 194 9.68 -26.62 26.38
N ASN B 195 10.16 -25.83 25.42
CA ASN B 195 11.61 -25.63 25.29
C ASN B 195 11.97 -24.17 25.15
N LYS B 196 11.51 -23.37 26.11
CA LYS B 196 11.98 -21.99 26.27
C LYS B 196 13.40 -22.05 26.88
N GLU B 197 14.21 -21.03 26.59
CA GLU B 197 15.50 -20.80 27.17
C GLU B 197 15.40 -19.94 28.43
N PHE B 198 14.20 -19.83 29.02
CA PHE B 198 14.07 -19.12 30.27
C PHE B 198 12.83 -19.71 30.97
N THR B 199 12.68 -19.45 32.27
CA THR B 199 11.48 -19.88 32.97
C THR B 199 10.80 -18.67 33.58
N GLU B 200 9.68 -18.95 34.22
CA GLU B 200 8.93 -17.93 34.89
C GLU B 200 9.75 -17.28 35.95
N ASP B 201 10.66 -18.04 36.57
CA ASP B 201 11.62 -17.51 37.56
C ASP B 201 12.52 -16.40 37.00
N ASP B 202 12.65 -16.34 35.70
CA ASP B 202 13.52 -15.32 35.05
C ASP B 202 12.76 -13.99 34.77
N LEU B 203 11.47 -13.97 35.04
CA LEU B 203 10.64 -12.75 34.79
C LEU B 203 10.70 -11.94 36.09
N ASN B 204 10.95 -10.65 36.03
CA ASN B 204 10.83 -9.84 37.26
C ASN B 204 9.82 -8.69 37.12
N SER B 205 9.31 -8.16 38.23
CA SER B 205 8.23 -7.18 38.21
C SER B 205 8.75 -5.76 38.05
N ALA B 206 10.06 -5.56 38.32
CA ALA B 206 10.71 -4.27 38.18
C ALA B 206 11.01 -3.98 36.72
N ASN B 207 11.07 -5.02 35.88
CA ASN B 207 11.25 -4.88 34.43
C ASN B 207 12.57 -4.24 34.11
N VAL B 208 13.57 -4.77 34.80
CA VAL B 208 14.98 -4.42 34.64
C VAL B 208 15.71 -5.72 34.22
N TYR B 209 16.28 -5.72 33.00
CA TYR B 209 16.97 -6.88 32.44
C TYR B 209 18.35 -6.49 31.90
N SER B 210 19.22 -7.47 31.71
CA SER B 210 20.52 -7.22 31.09
C SER B 210 20.32 -7.26 29.58
N PRO B 211 21.29 -6.75 28.80
CA PRO B 211 21.23 -6.92 27.37
C PRO B 211 21.02 -8.38 26.90
N LYS B 212 21.75 -9.31 27.49
CA LYS B 212 21.58 -10.73 27.17
C LYS B 212 20.23 -11.33 27.50
N GLN B 213 19.65 -10.94 28.65
CA GLN B 213 18.31 -11.38 28.98
C GLN B 213 17.29 -10.89 27.91
N LEU B 214 17.37 -9.62 27.53
CA LEU B 214 16.51 -9.10 26.45
C LEU B 214 16.74 -9.82 25.10
N GLU B 215 17.97 -10.20 24.80
CA GLU B 215 18.24 -10.94 23.61
C GLU B 215 17.53 -12.28 23.66
N THR B 216 17.59 -12.92 24.82
CA THR B 216 16.85 -14.16 25.00
C THR B 216 15.32 -13.94 24.80
N PHE B 217 14.75 -12.84 25.32
CA PHE B 217 13.32 -12.61 25.14
C PHE B 217 12.99 -12.37 23.64
N ILE B 218 13.77 -11.55 22.98
CA ILE B 218 13.61 -11.30 21.54
C ILE B 218 13.66 -12.61 20.77
N ASN B 219 14.71 -13.39 20.96
CA ASN B 219 14.74 -14.69 20.31
C ASN B 219 13.48 -15.55 20.54
N PHE B 220 12.98 -15.52 21.78
CA PHE B 220 11.75 -16.24 22.13
C PHE B 220 10.55 -15.72 21.30
N CYS B 221 10.45 -14.36 21.20
CA CYS B 221 9.41 -13.72 20.47
C CYS B 221 9.49 -13.96 18.96
N ILE B 222 10.69 -13.96 18.40
CA ILE B 222 10.90 -14.34 16.98
C ILE B 222 10.37 -15.72 16.71
N SER B 223 10.79 -16.72 17.50
CA SER B 223 10.30 -18.07 17.31
C SER B 223 8.79 -18.21 17.46
N ALA B 224 8.23 -17.59 18.51
CA ALA B 224 6.83 -17.67 18.76
C ALA B 224 6.01 -17.03 17.65
N LYS B 225 6.27 -15.77 17.31
CA LYS B 225 5.41 -15.12 16.32
C LYS B 225 5.66 -15.72 14.92
N MET B 226 6.91 -15.92 14.56
CA MET B 226 7.21 -16.38 13.21
C MET B 226 6.81 -17.81 12.94
N SER B 227 6.58 -18.63 13.99
CA SER B 227 6.09 -20.00 13.83
C SER B 227 4.71 -19.97 13.23
N VAL B 228 4.04 -18.81 13.34
CA VAL B 228 2.66 -18.64 12.87
C VAL B 228 2.58 -17.66 11.68
N LEU B 229 3.30 -16.54 11.78
CA LEU B 229 3.23 -15.44 10.81
C LEU B 229 3.98 -15.68 9.50
N SER B 230 4.93 -16.62 9.52
CA SER B 230 5.73 -17.01 8.33
C SER B 230 4.78 -17.44 7.23
N GLU B 231 3.72 -18.13 7.63
CA GLU B 231 2.68 -18.53 6.70
C GLU B 231 1.53 -17.51 6.69
N ASP B 232 1.02 -17.15 7.87
CA ASP B 232 -0.08 -16.21 7.93
C ASP B 232 0.39 -14.72 7.96
N ILE B 233 0.79 -14.24 6.81
CA ILE B 233 1.52 -12.99 6.74
C ILE B 233 0.70 -11.71 7.04
N TYR B 234 -0.59 -11.79 6.77
CA TYR B 234 -1.57 -10.76 6.97
C TYR B 234 -2.20 -10.92 8.34
N GLU B 235 -1.82 -11.96 9.09
CA GLU B 235 -2.41 -12.17 10.45
C GLU B 235 -3.96 -12.28 10.43
N LYS B 236 -4.46 -13.08 9.50
CA LYS B 236 -5.92 -13.19 9.34
C LYS B 236 -6.43 -14.57 9.72
N LYS B 237 -5.53 -15.50 9.95
CA LYS B 237 -5.95 -16.87 10.16
C LYS B 237 -5.44 -17.28 11.53
N LYS B 238 -4.45 -18.14 11.59
CA LYS B 238 -3.87 -18.52 12.88
C LYS B 238 -3.20 -17.33 13.59
N GLY B 239 -2.75 -16.34 12.81
CA GLY B 239 -2.09 -15.12 13.35
C GLY B 239 -2.98 -14.22 14.20
N LEU B 240 -4.30 -14.44 14.15
CA LEU B 240 -5.26 -13.80 15.06
C LEU B 240 -4.99 -14.06 16.50
N ILE B 241 -4.26 -15.11 16.76
CA ILE B 241 -3.85 -15.46 18.13
C ILE B 241 -3.13 -14.28 18.82
N PHE B 242 -2.37 -13.49 18.07
CA PHE B 242 -1.59 -12.38 18.59
C PHE B 242 -2.43 -11.19 18.97
N GLU B 243 -3.75 -11.33 18.72
CA GLU B 243 -4.74 -10.38 19.20
C GLU B 243 -5.44 -10.79 20.53
N TYR B 244 -4.96 -11.87 21.17
CA TYR B 244 -5.50 -12.27 22.47
C TYR B 244 -5.32 -11.09 23.46
N GLY B 245 -6.38 -10.80 24.22
CA GLY B 245 -6.40 -9.66 25.13
C GLY B 245 -6.62 -8.30 24.49
N HIS B 246 -6.58 -8.26 23.17
CA HIS B 246 -6.66 -7.00 22.45
C HIS B 246 -8.09 -6.51 22.21
N THR B 247 -9.06 -7.42 22.20
CA THR B 247 -10.44 -6.94 21.94
C THR B 247 -10.88 -5.98 23.04
N ILE B 248 -10.86 -6.41 24.31
CA ILE B 248 -11.14 -5.48 25.42
C ILE B 248 -9.92 -4.54 25.69
N GLY B 249 -8.70 -5.07 25.54
CA GLY B 249 -7.46 -4.27 25.60
C GLY B 249 -7.51 -2.93 24.85
N HIS B 250 -7.80 -2.95 23.54
CA HIS B 250 -7.83 -1.69 22.73
C HIS B 250 -8.77 -0.67 23.39
N ALA B 251 -9.90 -1.14 23.90
CA ALA B 251 -10.93 -0.30 24.44
C ALA B 251 -10.55 0.24 25.79
N ILE B 252 -9.87 -0.56 26.62
CA ILE B 252 -9.31 -0.05 27.88
C ILE B 252 -8.26 1.01 27.64
N GLU B 253 -7.44 0.75 26.61
CA GLU B 253 -6.36 1.63 26.25
C GLU B 253 -6.89 3.01 25.83
N LEU B 254 -7.91 3.02 24.96
CA LEU B 254 -8.73 4.24 24.72
C LEU B 254 -9.38 4.86 25.95
N ALA B 255 -10.11 4.11 26.75
CA ALA B 255 -10.75 4.69 27.93
C ALA B 255 -9.78 5.42 28.88
N GLU B 256 -8.56 4.90 29.02
CA GLU B 256 -7.56 5.46 29.94
C GLU B 256 -6.80 6.67 29.39
N GLN B 257 -6.95 6.95 28.10
CA GLN B 257 -6.51 8.25 27.61
C GLN B 257 -5.02 8.52 27.65
N GLY B 258 -4.19 7.47 27.61
CA GLY B 258 -2.75 7.66 27.61
C GLY B 258 -2.15 7.21 28.93
N GLY B 259 -3.02 6.98 29.91
CA GLY B 259 -2.68 6.68 31.31
C GLY B 259 -2.07 5.29 31.55
N ILE B 260 -2.33 4.36 30.65
CA ILE B 260 -1.66 3.05 30.69
C ILE B 260 -1.06 2.74 29.37
N THR B 261 -0.09 1.85 29.37
CA THR B 261 0.56 1.45 28.14
C THR B 261 -0.32 0.40 27.39
N HIS B 262 0.00 0.19 26.13
CA HIS B 262 -0.65 -0.82 25.35
C HIS B 262 -0.47 -2.23 25.98
N GLY B 263 0.73 -2.59 26.46
CA GLY B 263 0.86 -3.92 27.10
C GLY B 263 -0.02 -4.11 28.33
N GLU B 264 -0.06 -3.10 29.22
CA GLU B 264 -0.92 -3.12 30.38
C GLU B 264 -2.38 -3.27 30.01
N ALA B 265 -2.85 -2.54 29.01
CA ALA B 265 -4.25 -2.63 28.58
C ALA B 265 -4.59 -4.08 28.16
N ILE B 266 -3.69 -4.64 27.33
CA ILE B 266 -3.61 -6.07 26.84
C ILE B 266 -3.55 -7.09 27.94
N ALA B 267 -2.79 -6.78 29.01
CA ALA B 267 -2.67 -7.62 30.15
C ALA B 267 -4.05 -7.76 30.78
N VAL B 268 -4.71 -6.63 31.02
CA VAL B 268 -6.04 -6.62 31.63
C VAL B 268 -7.04 -7.27 30.67
N GLY B 269 -6.86 -7.04 29.37
CA GLY B 269 -7.79 -7.59 28.39
C GLY B 269 -7.70 -9.09 28.35
N MET B 270 -6.52 -9.63 28.73
CA MET B 270 -6.29 -11.09 28.68
C MET B 270 -6.99 -11.71 29.87
N ILE B 271 -6.91 -11.04 31.02
CA ILE B 271 -7.56 -11.52 32.26
C ILE B 271 -9.07 -11.59 32.04
N TYR B 272 -9.64 -10.54 31.47
CA TYR B 272 -11.06 -10.52 31.11
C TYR B 272 -11.36 -11.59 30.04
N ALA B 273 -10.47 -11.82 29.09
CA ALA B 273 -10.71 -12.89 28.08
C ALA B 273 -10.74 -14.24 28.75
N ALA B 274 -9.86 -14.44 29.73
CA ALA B 274 -9.78 -15.71 30.52
C ALA B 274 -11.08 -15.91 31.35
N LYS B 275 -11.53 -14.86 32.02
CA LYS B 275 -12.73 -14.92 32.82
C LYS B 275 -13.89 -15.27 31.91
N ILE B 276 -13.95 -14.58 30.77
CA ILE B 276 -14.95 -14.81 29.72
C ILE B 276 -14.98 -16.26 29.25
N ALA B 277 -13.83 -16.80 28.86
CA ALA B 277 -13.78 -18.18 28.41
C ALA B 277 -14.22 -19.15 29.53
N ASN B 278 -13.94 -18.77 30.78
CA ASN B 278 -14.43 -19.51 31.96
C ASN B 278 -15.96 -19.51 32.12
N ARG B 279 -16.57 -18.32 32.13
CA ARG B 279 -18.03 -18.19 32.16
C ARG B 279 -18.74 -18.89 31.02
N MET B 280 -18.02 -19.10 29.91
CA MET B 280 -18.47 -19.85 28.73
C MET B 280 -18.11 -21.35 28.65
N ASN B 281 -17.64 -21.89 29.78
CA ASN B 281 -17.25 -23.31 29.96
C ASN B 281 -16.14 -23.79 29.05
N LEU B 282 -15.27 -22.89 28.62
CA LEU B 282 -14.10 -23.28 27.82
C LEU B 282 -12.88 -23.47 28.67
N MET B 283 -12.70 -22.60 29.67
CA MET B 283 -11.46 -22.57 30.49
C MET B 283 -11.67 -22.97 31.95
N PRO B 284 -10.91 -23.96 32.43
CA PRO B 284 -10.95 -24.29 33.84
C PRO B 284 -10.47 -23.14 34.69
N GLU B 285 -10.95 -23.02 35.92
CA GLU B 285 -10.57 -21.92 36.81
C GLU B 285 -9.05 -21.83 36.97
N HIS B 286 -8.36 -22.98 36.91
CA HIS B 286 -6.88 -22.95 37.15
C HIS B 286 -6.10 -22.16 36.09
N ASP B 287 -6.54 -22.24 34.84
CA ASP B 287 -5.95 -21.51 33.74
C ASP B 287 -6.24 -20.03 33.89
N VAL B 288 -7.35 -19.65 34.50
CA VAL B 288 -7.64 -18.25 34.78
C VAL B 288 -6.58 -17.72 35.78
N SER B 289 -6.39 -18.42 36.90
CA SER B 289 -5.37 -18.06 37.86
C SER B 289 -3.99 -18.02 37.22
N ALA B 290 -3.71 -18.94 36.30
CA ALA B 290 -2.45 -18.95 35.58
C ALA B 290 -2.15 -17.62 34.83
N HIS B 291 -3.20 -16.98 34.30
CA HIS B 291 -3.13 -15.65 33.68
C HIS B 291 -2.65 -14.62 34.71
N TYR B 292 -3.32 -14.56 35.86
CA TYR B 292 -2.96 -13.63 36.94
C TYR B 292 -1.54 -13.90 37.39
N TRP B 293 -1.18 -15.16 37.51
CA TRP B 293 0.05 -15.54 38.13
C TRP B 293 1.20 -15.05 37.27
N LEU B 294 1.06 -15.21 35.96
CA LEU B 294 2.17 -14.91 35.06
C LEU B 294 2.30 -13.41 34.87
N LEU B 295 1.15 -12.73 34.78
CA LEU B 295 1.17 -11.28 34.63
C LEU B 295 1.70 -10.62 35.87
N ASN B 296 1.40 -11.14 37.07
CA ASN B 296 2.02 -10.60 38.31
C ASN B 296 3.52 -10.85 38.38
N LYS B 297 4.01 -11.91 37.73
CA LYS B 297 5.46 -12.08 37.59
C LYS B 297 6.15 -10.88 36.94
N ILE B 298 5.45 -10.18 36.01
CA ILE B 298 6.07 -9.08 35.29
C ILE B 298 5.56 -7.73 35.82
N GLY B 299 4.75 -7.77 36.88
CA GLY B 299 4.27 -6.51 37.50
C GLY B 299 3.26 -5.84 36.60
N ALA B 300 2.60 -6.63 35.74
CA ALA B 300 1.67 -6.11 34.72
C ALA B 300 0.51 -5.30 35.29
N LEU B 301 0.00 -5.74 36.42
CA LEU B 301 -1.12 -5.09 37.06
C LEU B 301 -0.77 -3.96 38.06
N GLN B 302 0.53 -3.65 38.26
CA GLN B 302 1.00 -2.65 39.26
C GLN B 302 0.64 -1.18 39.00
N ASP B 303 1.05 -0.60 37.88
CA ASP B 303 0.94 0.86 37.67
C ASP B 303 -0.41 1.18 37.05
N ILE B 304 -1.26 0.16 37.06
CA ILE B 304 -2.55 0.15 36.41
C ILE B 304 -3.56 0.99 37.20
N PRO B 305 -4.11 2.04 36.57
CA PRO B 305 -5.21 2.76 37.15
C PRO B 305 -6.51 2.53 36.39
N LEU B 306 -7.30 1.52 36.76
CA LEU B 306 -8.66 1.45 36.17
C LEU B 306 -9.52 2.64 36.70
N LYS B 307 -8.94 3.84 36.50
CA LYS B 307 -9.53 5.20 36.60
C LYS B 307 -10.85 5.30 35.84
N SER B 308 -11.17 4.20 35.14
CA SER B 308 -12.35 4.10 34.31
C SER B 308 -13.48 3.30 34.93
N ASP B 309 -14.69 3.76 34.61
CA ASP B 309 -15.87 2.99 34.89
C ASP B 309 -16.06 2.01 33.75
N PRO B 310 -16.69 0.86 34.05
CA PRO B 310 -16.98 -0.16 33.07
C PRO B 310 -17.72 0.38 31.87
N ASP B 311 -18.49 1.45 32.07
CA ASP B 311 -19.38 1.93 31.05
C ASP B 311 -18.59 2.67 29.96
N SER B 312 -17.57 3.42 30.37
CA SER B 312 -16.67 4.07 29.42
C SER B 312 -15.89 3.05 28.56
N ILE B 313 -15.35 2.00 29.20
CA ILE B 313 -14.70 0.87 28.54
C ILE B 313 -15.64 0.19 27.53
N PHE B 314 -16.85 -0.14 27.97
CA PHE B 314 -17.77 -0.86 27.12
C PHE B 314 -18.20 -0.04 25.91
N HIS B 315 -18.41 1.26 26.09
CA HIS B 315 -18.74 2.15 24.97
C HIS B 315 -17.69 2.19 23.86
N TYR B 316 -16.40 2.35 24.22
CA TYR B 316 -15.27 2.31 23.24
C TYR B 316 -15.18 0.98 22.47
N LEU B 317 -15.53 -0.10 23.17
CA LEU B 317 -15.56 -1.47 22.67
C LEU B 317 -16.64 -1.65 21.59
N ILE B 318 -17.86 -1.20 21.85
CA ILE B 318 -18.91 -1.24 20.83
C ILE B 318 -18.71 -0.25 19.65
N HIS B 319 -17.86 0.78 19.83
CA HIS B 319 -17.51 1.76 18.76
C HIS B 319 -16.24 1.41 17.96
N ASP B 320 -15.53 0.39 18.42
CA ASP B 320 -14.28 -0.09 17.80
C ASP B 320 -14.50 -0.93 16.53
N ASN B 321 -13.94 -0.47 15.40
CA ASN B 321 -13.82 -1.29 14.17
C ASN B 321 -12.41 -1.83 13.89
N ASP B 329 -23.85 -10.45 14.18
CA ASP B 329 -25.15 -10.05 14.74
C ASP B 329 -25.07 -9.04 15.89
N GLU B 330 -26.24 -8.66 16.44
CA GLU B 330 -26.30 -7.55 17.40
C GLU B 330 -26.08 -7.89 18.91
N ASP B 331 -26.11 -9.17 19.29
CA ASP B 331 -25.96 -9.54 20.71
C ASP B 331 -24.56 -10.04 21.08
N ASN B 332 -23.77 -10.32 20.05
CA ASN B 332 -22.45 -10.94 20.19
C ASN B 332 -21.33 -10.09 19.58
N LEU B 333 -20.12 -10.27 20.11
CA LEU B 333 -18.89 -9.65 19.59
C LEU B 333 -17.94 -10.81 19.49
N GLY B 334 -17.10 -10.87 18.46
CA GLY B 334 -16.15 -11.98 18.34
C GLY B 334 -14.93 -11.70 19.22
N MET B 335 -14.44 -12.72 19.92
CA MET B 335 -13.18 -12.69 20.73
C MET B 335 -12.26 -13.86 20.41
N ILE B 336 -10.95 -13.65 20.52
CA ILE B 336 -10.02 -14.79 20.61
C ILE B 336 -10.06 -15.26 22.05
N LEU B 337 -10.48 -16.51 22.25
CA LEU B 337 -10.49 -17.10 23.58
C LEU B 337 -9.61 -18.32 23.56
N LEU B 338 -9.28 -18.80 24.76
CA LEU B 338 -8.51 -20.03 24.94
C LEU B 338 -9.34 -21.01 25.77
N SER B 339 -9.12 -22.31 25.55
CA SER B 339 -9.67 -23.32 26.50
C SER B 339 -8.73 -23.59 27.68
N GLY B 340 -7.48 -23.15 27.56
CA GLY B 340 -6.48 -23.41 28.58
C GLY B 340 -5.19 -22.81 28.06
N VAL B 341 -4.19 -22.71 28.93
CA VAL B 341 -2.89 -22.14 28.56
C VAL B 341 -2.36 -22.91 27.39
N GLY B 342 -1.95 -22.19 26.36
CA GLY B 342 -1.42 -22.79 25.17
C GLY B 342 -2.46 -23.42 24.27
N LYS B 343 -3.74 -23.24 24.63
CA LYS B 343 -4.83 -23.92 23.90
C LYS B 343 -5.91 -23.00 23.35
N PRO B 344 -5.67 -22.41 22.18
CA PRO B 344 -6.70 -21.60 21.57
C PRO B 344 -8.00 -22.36 21.34
N ALA B 345 -9.10 -21.73 21.71
CA ALA B 345 -10.45 -22.21 21.40
C ALA B 345 -10.84 -21.82 19.96
N MET B 346 -11.03 -22.86 19.15
CA MET B 346 -11.55 -22.74 17.79
C MET B 346 -13.06 -22.63 17.87
N TYR B 347 -13.67 -21.93 16.92
CA TYR B 347 -15.11 -21.89 16.78
C TYR B 347 -15.36 -21.92 15.29
N ASN B 348 -16.10 -22.95 14.85
CA ASN B 348 -16.64 -23.00 13.50
C ASN B 348 -15.52 -22.70 12.50
N GLN B 349 -14.38 -23.41 12.67
CA GLN B 349 -13.20 -23.32 11.79
C GLN B 349 -12.31 -22.05 11.92
N THR B 350 -12.61 -21.18 12.87
CA THR B 350 -11.94 -19.89 13.07
C THR B 350 -11.55 -19.71 14.56
N LEU B 351 -10.64 -18.77 14.85
CA LEU B 351 -10.22 -18.39 16.24
C LEU B 351 -11.14 -17.33 16.89
N LEU B 352 -12.10 -16.86 16.11
CA LEU B 352 -13.09 -15.93 16.59
C LEU B 352 -14.32 -16.70 17.13
N THR B 353 -14.60 -16.50 18.43
CA THR B 353 -15.73 -17.09 19.15
C THR B 353 -16.70 -15.98 19.46
N PRO B 354 -18.02 -16.15 19.13
CA PRO B 354 -18.97 -15.11 19.46
C PRO B 354 -19.16 -15.10 20.94
N VAL B 355 -19.26 -13.90 21.51
CA VAL B 355 -19.35 -13.75 22.95
C VAL B 355 -20.44 -12.71 23.17
N ARG B 356 -21.37 -12.99 24.09
CA ARG B 356 -22.47 -12.04 24.35
C ARG B 356 -21.94 -10.74 24.91
N LYS B 357 -22.34 -9.66 24.25
CA LYS B 357 -22.09 -8.32 24.71
C LYS B 357 -22.42 -8.12 26.18
N THR B 358 -23.54 -8.67 26.62
CA THR B 358 -23.96 -8.56 28.02
C THR B 358 -22.95 -9.30 28.94
N LEU B 359 -22.27 -10.33 28.43
CA LEU B 359 -21.31 -11.08 29.26
C LEU B 359 -20.03 -10.27 29.38
N ILE B 360 -19.54 -9.75 28.26
CA ILE B 360 -18.40 -8.88 28.23
C ILE B 360 -18.63 -7.79 29.26
N LYS B 361 -19.80 -7.16 29.25
CA LYS B 361 -20.08 -5.99 30.07
C LYS B 361 -20.02 -6.35 31.51
N GLU B 362 -20.56 -7.51 31.83
CA GLU B 362 -20.57 -7.93 33.24
C GLU B 362 -19.20 -8.32 33.79
N VAL B 363 -18.33 -8.86 32.95
CA VAL B 363 -16.97 -9.23 33.38
C VAL B 363 -16.13 -7.93 33.63
N ILE B 364 -16.32 -6.96 32.74
CA ILE B 364 -15.67 -5.67 32.84
C ILE B 364 -16.13 -5.00 34.13
N ARG B 365 -17.44 -4.99 34.41
CA ARG B 365 -18.00 -4.45 35.68
C ARG B 365 -17.34 -5.08 36.89
N GLU B 366 -17.14 -6.39 36.85
CA GLU B 366 -16.66 -7.11 38.00
C GLU B 366 -15.21 -6.74 38.35
N GLY B 367 -14.44 -6.38 37.34
CA GLY B 367 -13.06 -5.94 37.54
C GLY B 367 -12.07 -7.05 37.78
N LEU B 368 -10.89 -6.67 38.28
CA LEU B 368 -9.80 -7.61 38.53
C LEU B 368 -9.92 -8.13 39.95
CO CO C . 0.11 5.95 -20.95
S SO3 D . 9.84 5.11 -25.05
O1 SO3 D . 10.99 4.76 -24.23
O2 SO3 D . 9.35 6.49 -24.95
O3 SO3 D . 9.68 4.40 -26.33
P PO4 E . 3.15 5.44 -13.62
O1 PO4 E . 2.63 6.33 -12.52
O2 PO4 E . 4.00 6.28 -14.56
O3 PO4 E . 1.98 4.84 -14.33
O4 PO4 E . 4.10 4.38 -13.11
PA NAD F . -8.91 12.06 -15.94
O1A NAD F . -7.79 12.98 -15.70
O2A NAD F . -9.33 11.17 -14.86
O5B NAD F . -10.33 12.78 -16.49
C5B NAD F . -10.27 13.84 -17.45
C4B NAD F . -11.45 14.80 -17.31
O4B NAD F . -12.66 14.07 -17.73
C3B NAD F . -11.90 15.28 -15.94
O3B NAD F . -12.08 16.76 -15.68
C2B NAD F . -12.87 14.32 -15.47
O2B NAD F . -13.53 14.69 -14.33
C1B NAD F . -13.70 14.13 -16.70
N9A NAD F . -14.48 12.98 -17.09
C8A NAD F . -14.42 11.71 -16.69
N7A NAD F . -15.37 10.98 -17.32
C5A NAD F . -15.98 11.79 -18.20
C6A NAD F . -17.01 11.63 -19.18
N6A NAD F . -17.61 10.47 -19.46
N1A NAD F . -17.42 12.74 -19.85
C2A NAD F . -16.86 13.95 -19.65
N3A NAD F . -15.86 14.14 -18.76
C4A NAD F . -15.43 13.08 -18.02
O3 NAD F . -8.62 11.38 -17.41
PN NAD F . -8.02 9.91 -17.82
O1N NAD F . -9.04 8.87 -17.66
O2N NAD F . -7.42 10.10 -19.11
O5D NAD F . -6.76 9.60 -16.74
C5D NAD F . -5.60 10.45 -16.40
C4D NAD F . -5.13 10.19 -14.96
O4D NAD F . -5.12 8.75 -14.91
C3D NAD F . -3.76 10.62 -14.42
O3D NAD F . -3.94 10.94 -13.01
C2D NAD F . -2.92 9.36 -14.68
O2D NAD F . -1.59 9.24 -14.04
C1D NAD F . -3.91 8.26 -14.26
N1N NAD F . -3.55 6.89 -14.78
C2N NAD F . -3.31 5.78 -13.91
C3N NAD F . -2.92 4.54 -14.46
C7N NAD F . -2.65 3.28 -13.63
O7N NAD F . -1.66 2.45 -14.09
N7N NAD F . -3.43 3.14 -12.56
C4N NAD F . -2.78 4.39 -15.86
C5N NAD F . -3.01 5.46 -16.74
C6N NAD F . -3.40 6.71 -16.19
OBG EXO G . 0.74 5.51 -18.76
CBA EXO G . 0.20 4.21 -18.46
CBB EXO G . 0.40 3.30 -19.66
OBI EXO G . -0.19 3.88 -20.83
CBF EXO G . 0.99 3.58 -17.33
CBH EXO G . 1.85 4.33 -16.67
CBE EXO G . 0.82 2.11 -16.97
CBD EXO G . 0.67 1.15 -18.17
OBK EXO G . 0.08 -0.07 -17.64
CBC EXO G . -0.07 1.85 -19.37
OBJ EXO G . -0.08 1.15 -20.64
C1 MPD H . -27.70 7.94 -17.68
C2 MPD H . -26.47 8.09 -18.56
O2 MPD H . -26.76 9.05 -19.59
CM MPD H . -25.31 8.68 -17.76
C3 MPD H . -26.14 6.72 -19.15
C4 MPD H . -26.02 6.67 -20.69
O4 MPD H . -27.24 7.00 -21.31
C5 MPD H . -24.96 7.63 -21.23
CO CO I . -0.36 -5.54 21.12
S SO3 J . -9.29 -11.04 22.80
O1 SO3 J . -10.35 -11.15 21.77
O2 SO3 J . -9.23 -9.80 23.56
O3 SO3 J . -9.05 -12.27 23.55
PA NAD K . 6.20 4.52 21.22
O1A NAD K . 4.83 5.09 21.28
O2A NAD K . 6.85 4.48 19.89
O5B NAD K . 7.20 5.25 22.28
C5B NAD K . 6.71 5.91 23.46
C4B NAD K . 7.72 7.02 23.88
O4B NAD K . 9.09 6.41 23.91
C3B NAD K . 7.94 8.26 23.02
O3B NAD K . 7.65 9.58 23.52
C2B NAD K . 9.22 8.03 22.37
O2B NAD K . 9.43 7.86 21.03
C1B NAD K . 10.08 7.38 23.41
N9A NAD K . 11.22 6.50 23.15
C8A NAD K . 11.56 5.74 22.10
N7A NAD K . 12.71 5.10 22.32
C5A NAD K . 13.10 5.44 23.56
C6A NAD K . 14.17 5.09 24.39
N6A NAD K . 15.08 4.22 23.99
N1A NAD K . 14.26 5.63 25.61
C2A NAD K . 13.36 6.51 26.06
N3A NAD K . 12.31 6.87 25.32
C4A NAD K . 12.17 6.35 24.08
O3 NAD K . 6.24 3.16 22.06
PN NAD K . 6.17 1.63 21.76
O1N NAD K . 7.34 1.17 21.05
O2N NAD K . 5.96 1.08 23.08
O5D NAD K . 4.90 1.38 20.78
C5D NAD K . 3.55 1.94 20.89
C4D NAD K . 3.04 2.71 19.60
O4D NAD K . 3.54 1.98 18.48
C3D NAD K . 1.50 2.85 19.31
O3D NAD K . 1.14 4.08 18.61
C2D NAD K . 1.23 1.61 18.44
O2D NAD K . 0.12 1.69 17.53
C1D NAD K . 2.48 1.57 17.60
N1N NAD K . 2.31 0.16 17.24
C2N NAD K . 1.45 -0.15 16.17
C3N NAD K . 1.26 -1.48 15.80
C7N NAD K . 0.32 -1.72 14.64
O7N NAD K . 0.01 -2.97 14.21
N7N NAD K . -0.13 -0.61 14.09
C4N NAD K . 1.89 -2.51 16.49
C5N NAD K . 2.73 -2.22 17.56
C6N NAD K . 2.96 -0.89 17.94
OAN CAK L . -4.35 -3.15 15.83
PAM CAK L . -3.55 -3.62 14.65
OAO CAK L . -2.74 -2.51 14.10
OAP CAK L . -4.34 -4.44 13.62
OAL CAK L . -2.56 -4.85 15.13
CAK CAK L . -1.61 -4.73 16.17
CAF CAK L . -1.17 -6.11 16.73
CAA CAK L . -0.36 -5.89 18.01
OAG CAK L . -1.03 -5.05 18.96
CAB CAK L . -0.08 -7.26 18.61
OAH CAK L . 0.41 -7.16 19.98
CAC CAK L . 0.86 -8.05 17.70
OAI CAK L . 1.14 -9.31 18.32
CAD CAK L . 0.26 -8.27 16.28
OAJ CAK L . 1.24 -8.87 15.38
CAE CAK L . -0.35 -6.95 15.72
C1 MPD M . -14.27 -26.87 33.58
C2 MPD M . -14.95 -26.07 32.45
O2 MPD M . -14.22 -26.35 31.24
CM MPD M . -16.40 -26.54 32.30
C3 MPD M . -14.85 -24.55 32.62
C4 MPD M . -15.62 -23.81 33.73
O4 MPD M . -16.99 -23.65 33.46
C5 MPD M . -15.49 -24.40 35.15
#